data_8BIX
#
_entry.id   8BIX
#
_cell.length_a   158.427
_cell.length_b   158.427
_cell.length_c   93.828
_cell.angle_alpha   90.00
_cell.angle_beta   90.00
_cell.angle_gamma   120.00
#
_symmetry.space_group_name_H-M   'P 3 2 1'
#
loop_
_entity.id
_entity.type
_entity.pdbx_description
1 polymer 'Cystathionine beta-lyase, putative'
2 non-polymer "PYRIDOXAL-5'-PHOSPHATE"
3 non-polymer '2-AMINO-4-MERCAPTO-BUTYRIC ACID'
4 water water
#
_entity_poly.entity_id   1
_entity_poly.type   'polypeptide(L)'
_entity_poly.pdbx_seq_one_letter_code
;MASKQNDKDGAVRRDASFECGVKAGDWLPGFTPREETVYVHGGVEPDPLTGAILPPIYQNTTFVQESVENYLSKGFSYSR
TSNPTVLSLEKKIAEIEGGFGACCFATGMAATVTIFSAFLAPGDHCLVTNCSYGGTNRCARLHFSKYNIDFEFIDFRDPT
NVEKAIRPQTKVVFSESPCNPTLYLADIEAISQICKEKKVLHVCDSTFATPYMMRPLDLGADIVVQSTTKYYDGHNCTLG
GAVISSTKEIHDKVFFLRNVMGNIMSAQTAFYTLLTLKTLPIRVEKQSANAQKIAEFLSKHHKVEHVIYPGIPSFPQKEL
ALKQHKNVHGGMLAFEVKGGTEAGIRMMNHVPRPWSLCESLGACESIITCPAVFTHANMLREDRLKVGITDGFIRVSVGI
EDVNDLIDGLDYALSKA
;
_entity_poly.pdbx_strand_id   C,A
#
loop_
_chem_comp.id
_chem_comp.type
_chem_comp.name
_chem_comp.formula
PLP non-polymer PYRIDOXAL-5'-PHOSPHATE 'C8 H10 N O6 P'
#
# COMPACT_ATOMS: atom_id res chain seq x y z
N VAL A 22 4.41 0.21 -43.20
CA VAL A 22 4.68 -0.31 -41.86
C VAL A 22 4.75 -1.85 -41.80
N LYS A 23 5.31 -2.31 -40.68
CA LYS A 23 6.16 -3.50 -40.61
C LYS A 23 5.66 -4.33 -39.42
N ALA A 24 5.99 -5.63 -39.40
CA ALA A 24 5.83 -6.46 -38.20
C ALA A 24 6.24 -5.69 -36.93
N GLY A 25 5.44 -5.81 -35.87
CA GLY A 25 5.69 -5.14 -34.61
C GLY A 25 5.10 -3.75 -34.48
N ASP A 26 4.55 -3.18 -35.55
CA ASP A 26 3.87 -1.89 -35.50
C ASP A 26 2.37 -2.11 -35.54
N TRP A 27 1.61 -1.30 -34.81
CA TRP A 27 0.20 -1.11 -35.11
C TRP A 27 0.06 -0.32 -36.41
N LEU A 28 -0.98 -0.56 -37.18
CA LEU A 28 -1.19 0.30 -38.36
C LEU A 28 -1.59 1.70 -37.90
N PRO A 29 -0.91 2.76 -38.39
CA PRO A 29 -1.26 4.12 -37.97
C PRO A 29 -2.67 4.47 -38.43
N GLY A 30 -3.40 5.19 -37.58
CA GLY A 30 -4.76 5.65 -37.88
C GLY A 30 -5.85 4.68 -37.51
N PHE A 31 -5.51 3.50 -36.99
CA PHE A 31 -6.52 2.54 -36.57
C PHE A 31 -6.53 2.44 -35.05
N THR A 32 -7.69 2.17 -34.52
CA THR A 32 -7.83 1.93 -33.08
C THR A 32 -8.20 0.48 -32.89
N PRO A 33 -7.45 -0.28 -32.08
CA PRO A 33 -7.86 -1.68 -31.82
C PRO A 33 -9.23 -1.76 -31.21
N ARG A 34 -9.93 -2.85 -31.54
CA ARG A 34 -11.24 -3.10 -30.99
C ARG A 34 -11.12 -3.61 -29.54
N GLU A 35 -12.27 -3.68 -28.87
CA GLU A 35 -12.32 -3.85 -27.42
C GLU A 35 -11.49 -5.04 -26.90
N GLU A 36 -11.77 -6.24 -27.40
CA GLU A 36 -11.06 -7.42 -26.85
C GLU A 36 -9.55 -7.38 -27.12
N THR A 37 -9.15 -6.74 -28.22
CA THR A 37 -7.74 -6.63 -28.53
C THR A 37 -7.03 -5.79 -27.48
N VAL A 38 -7.71 -4.75 -27.00
CA VAL A 38 -7.12 -3.87 -25.96
C VAL A 38 -6.92 -4.65 -24.65
N TYR A 39 -7.86 -5.54 -24.31
CA TYR A 39 -7.61 -6.35 -23.10
C TYR A 39 -6.38 -7.22 -23.25
N VAL A 40 -6.14 -7.75 -24.46
CA VAL A 40 -4.97 -8.62 -24.64
C VAL A 40 -3.68 -7.82 -24.68
N HIS A 41 -3.68 -6.67 -25.38
CA HIS A 41 -2.44 -5.99 -25.77
C HIS A 41 -2.25 -4.57 -25.25
N GLY A 42 -3.30 -3.95 -24.73
CA GLY A 42 -3.18 -2.57 -24.29
C GLY A 42 -2.08 -2.39 -23.25
N GLY A 43 -1.40 -1.25 -23.35
CA GLY A 43 -0.29 -0.91 -22.47
C GLY A 43 0.98 -1.73 -22.62
N VAL A 44 1.08 -2.67 -23.55
CA VAL A 44 2.24 -3.53 -23.57
C VAL A 44 2.70 -3.67 -25.00
N GLU A 45 3.99 -3.60 -25.21
CA GLU A 45 4.60 -3.99 -26.48
C GLU A 45 5.72 -4.94 -26.11
N PRO A 46 6.21 -5.73 -27.06
CA PRO A 46 7.36 -6.61 -26.77
C PRO A 46 8.50 -5.81 -26.15
N ASP A 47 9.19 -6.40 -25.16
CA ASP A 47 10.37 -5.76 -24.58
C ASP A 47 11.32 -5.27 -25.69
N PRO A 48 11.68 -3.98 -25.72
CA PRO A 48 12.62 -3.51 -26.76
C PRO A 48 13.98 -4.19 -26.74
N LEU A 49 14.46 -4.57 -25.55
CA LEU A 49 15.81 -5.11 -25.46
C LEU A 49 15.89 -6.53 -26.02
N THR A 50 14.89 -7.39 -25.70
CA THR A 50 14.97 -8.81 -26.00
C THR A 50 13.87 -9.31 -26.93
N GLY A 51 12.83 -8.49 -27.14
CA GLY A 51 11.60 -8.93 -27.80
C GLY A 51 10.64 -9.73 -26.93
N ALA A 52 10.89 -9.90 -25.64
CA ALA A 52 9.98 -10.69 -24.79
C ALA A 52 8.54 -10.25 -25.01
N ILE A 53 7.65 -11.21 -25.29
CA ILE A 53 6.27 -10.84 -25.64
C ILE A 53 5.50 -10.29 -24.45
N LEU A 54 5.84 -10.74 -23.18
CA LEU A 54 5.33 -10.12 -21.96
C LEU A 54 6.39 -9.17 -21.39
N PRO A 55 5.95 -8.09 -20.77
CA PRO A 55 6.89 -7.23 -20.03
C PRO A 55 7.56 -8.00 -18.90
N PRO A 56 8.89 -7.87 -18.73
CA PRO A 56 9.51 -8.53 -17.57
C PRO A 56 9.05 -7.84 -16.28
N ILE A 57 9.25 -8.58 -15.18
CA ILE A 57 8.86 -8.12 -13.87
C ILE A 57 10.02 -7.33 -13.30
N TYR A 58 9.81 -6.05 -13.05
CA TYR A 58 10.88 -5.22 -12.52
C TYR A 58 10.83 -5.34 -10.99
N GLN A 59 11.33 -6.46 -10.51
CA GLN A 59 11.33 -6.75 -9.08
C GLN A 59 12.60 -6.11 -8.52
N ASN A 60 12.53 -4.81 -8.33
CA ASN A 60 13.73 -4.04 -7.98
C ASN A 60 13.30 -2.69 -7.47
N THR A 61 14.04 -2.22 -6.45
CA THR A 61 13.69 -0.99 -5.75
C THR A 61 14.17 0.25 -6.46
N THR A 62 15.41 0.26 -6.97
CA THR A 62 16.03 1.49 -7.41
C THR A 62 16.65 1.36 -8.79
N PHE A 63 16.87 2.51 -9.42
CA PHE A 63 17.26 2.55 -10.83
C PHE A 63 18.48 3.45 -10.96
N VAL A 64 19.50 2.93 -11.65
CA VAL A 64 20.77 3.63 -11.75
C VAL A 64 20.61 4.75 -12.75
N GLN A 65 21.24 5.88 -12.45
CA GLN A 65 21.18 7.10 -13.27
C GLN A 65 22.50 7.27 -14.03
N GLU A 66 22.40 7.79 -15.26
CA GLU A 66 23.61 7.88 -16.09
C GLU A 66 24.56 8.98 -15.62
N SER A 67 24.04 10.04 -15.04
CA SER A 67 24.85 11.17 -14.60
C SER A 67 23.95 12.00 -13.73
N VAL A 68 24.55 12.90 -12.95
CA VAL A 68 23.75 13.82 -12.15
C VAL A 68 22.88 14.67 -13.06
N GLU A 69 23.38 14.98 -14.27
CA GLU A 69 22.63 15.79 -15.23
C GLU A 69 21.49 15.01 -15.84
N ASN A 70 21.76 13.80 -16.36
CA ASN A 70 20.76 12.96 -17.01
C ASN A 70 19.85 12.25 -16.03
N TYR A 71 19.65 12.84 -14.86
CA TYR A 71 18.77 12.24 -13.86
C TYR A 71 17.39 12.05 -14.47
N LEU A 72 16.81 10.86 -14.26
CA LEU A 72 15.46 10.51 -14.75
C LEU A 72 15.38 10.44 -16.27
N SER A 73 16.51 10.45 -16.97
CA SER A 73 16.47 10.38 -18.42
C SER A 73 15.86 9.07 -18.92
N LYS A 74 15.91 7.98 -18.15
CA LYS A 74 15.26 6.73 -18.59
C LYS A 74 13.90 6.53 -17.93
N GLY A 75 13.41 7.50 -17.20
CA GLY A 75 12.04 7.52 -16.72
C GLY A 75 11.79 7.05 -15.31
N PHE A 76 12.79 6.46 -14.64
CA PHE A 76 12.53 5.80 -13.36
C PHE A 76 13.63 6.16 -12.38
N SER A 77 13.25 6.16 -11.11
CA SER A 77 14.25 6.42 -10.06
C SER A 77 14.05 5.50 -8.87
N TYR A 78 12.79 5.26 -8.47
CA TYR A 78 12.55 4.53 -7.24
C TYR A 78 11.14 3.92 -7.29
N SER A 79 11.00 2.63 -6.95
CA SER A 79 9.72 1.99 -7.29
C SER A 79 8.53 2.39 -6.41
N ARG A 80 8.71 3.10 -5.29
CA ARG A 80 7.54 3.64 -4.60
C ARG A 80 6.87 4.73 -5.44
N THR A 81 7.67 5.44 -6.25
CA THR A 81 7.17 6.54 -7.07
C THR A 81 6.56 6.03 -8.37
N SER A 82 7.31 5.18 -9.07
CA SER A 82 6.79 4.54 -10.27
C SER A 82 7.68 3.34 -10.56
N ASN A 83 7.12 2.33 -11.21
CA ASN A 83 7.88 1.12 -11.56
C ASN A 83 7.44 0.72 -12.98
N PRO A 84 8.35 0.20 -13.82
CA PRO A 84 7.98 -0.05 -15.24
C PRO A 84 6.85 -1.06 -15.42
N THR A 85 6.84 -2.12 -14.61
CA THR A 85 5.76 -3.14 -14.75
C THR A 85 4.42 -2.53 -14.36
N VAL A 86 4.44 -1.75 -13.27
CA VAL A 86 3.22 -1.08 -12.82
C VAL A 86 2.75 -0.09 -13.88
N LEU A 87 3.68 0.68 -14.47
CA LEU A 87 3.29 1.65 -15.48
C LEU A 87 2.70 0.96 -16.70
N SER A 88 3.20 -0.23 -17.08
CA SER A 88 2.56 -0.94 -18.21
C SER A 88 1.11 -1.28 -17.90
N LEU A 89 0.86 -1.77 -16.66
CA LEU A 89 -0.52 -2.04 -16.30
C LEU A 89 -1.37 -0.77 -16.30
N GLU A 90 -0.80 0.33 -15.80
CA GLU A 90 -1.55 1.59 -15.75
C GLU A 90 -1.95 2.04 -17.14
N LYS A 91 -1.05 1.87 -18.10
CA LYS A 91 -1.39 2.26 -19.48
C LYS A 91 -2.51 1.40 -20.03
N LYS A 92 -2.46 0.08 -19.73
CA LYS A 92 -3.54 -0.80 -20.16
C LYS A 92 -4.87 -0.38 -19.54
N ILE A 93 -4.86 -0.13 -18.25
CA ILE A 93 -6.11 0.17 -17.54
C ILE A 93 -6.67 1.49 -18.06
N ALA A 94 -5.82 2.48 -18.29
CA ALA A 94 -6.32 3.75 -18.82
C ALA A 94 -6.97 3.55 -20.18
N GLU A 95 -6.39 2.68 -21.01
CA GLU A 95 -6.99 2.40 -22.32
C GLU A 95 -8.34 1.70 -22.19
N ILE A 96 -8.40 0.67 -21.34
CA ILE A 96 -9.64 -0.08 -21.19
C ILE A 96 -10.75 0.79 -20.64
N GLU A 97 -10.42 1.71 -19.71
CA GLU A 97 -11.48 2.52 -19.08
C GLU A 97 -11.75 3.81 -19.81
N GLY A 98 -10.91 4.17 -20.76
CA GLY A 98 -11.16 5.40 -21.53
C GLY A 98 -10.70 6.65 -20.82
N GLY A 99 -9.56 6.59 -20.12
CA GLY A 99 -9.09 7.72 -19.35
C GLY A 99 -7.78 8.27 -19.84
N PHE A 100 -7.42 9.43 -19.29
CA PHE A 100 -6.14 10.04 -19.62
C PHE A 100 -5.00 9.19 -19.07
N GLY A 101 -5.14 8.77 -17.83
CA GLY A 101 -4.09 8.00 -17.19
C GLY A 101 -4.66 7.26 -16.00
N ALA A 102 -3.87 6.31 -15.50
CA ALA A 102 -4.32 5.54 -14.35
C ALA A 102 -3.15 5.44 -13.37
N CYS A 103 -3.48 5.34 -12.08
CA CYS A 103 -2.53 4.98 -11.03
C CYS A 103 -2.98 3.70 -10.36
N CYS A 104 -2.03 2.79 -10.10
CA CYS A 104 -2.34 1.52 -9.46
C CYS A 104 -1.82 1.48 -8.02
N PHE A 105 -2.59 0.82 -7.17
CA PHE A 105 -2.46 0.84 -5.72
C PHE A 105 -2.40 -0.58 -5.16
N ALA A 106 -1.96 -0.67 -3.89
CA ALA A 106 -1.87 -1.98 -3.25
C ALA A 106 -3.22 -2.69 -3.10
N THR A 107 -4.31 -1.93 -2.96
CA THR A 107 -5.66 -2.45 -2.79
C THR A 107 -6.66 -1.44 -3.35
N GLY A 108 -7.91 -1.92 -3.50
CA GLY A 108 -8.99 -1.01 -3.86
C GLY A 108 -9.24 0.03 -2.77
N MET A 109 -9.13 -0.38 -1.50
CA MET A 109 -9.31 0.61 -0.43
C MET A 109 -8.23 1.68 -0.50
N ALA A 110 -7.01 1.30 -0.85
CA ALA A 110 -5.96 2.34 -0.95
C ALA A 110 -6.28 3.35 -2.05
N ALA A 111 -6.83 2.87 -3.17
CA ALA A 111 -7.27 3.78 -4.24
C ALA A 111 -8.35 4.76 -3.73
N THR A 112 -9.34 4.21 -3.02
CA THR A 112 -10.44 5.03 -2.49
C THR A 112 -9.95 6.05 -1.49
N VAL A 113 -9.10 5.60 -0.56
CA VAL A 113 -8.57 6.48 0.47
C VAL A 113 -7.68 7.56 -0.13
N THR A 114 -6.99 7.28 -1.25
CA THR A 114 -6.19 8.32 -1.91
C THR A 114 -7.09 9.39 -2.52
N ILE A 115 -8.25 8.99 -3.07
CA ILE A 115 -9.21 10.01 -3.54
C ILE A 115 -9.65 10.90 -2.39
N PHE A 116 -10.08 10.29 -1.28
CA PHE A 116 -10.53 11.10 -0.13
C PHE A 116 -9.40 11.97 0.41
N SER A 117 -8.18 11.45 0.42
CA SER A 117 -7.04 12.22 0.93
C SER A 117 -6.68 13.39 0.03
N ALA A 118 -6.78 13.23 -1.29
CA ALA A 118 -6.36 14.24 -2.24
C ALA A 118 -7.37 15.34 -2.42
N PHE A 119 -8.65 14.97 -2.37
CA PHE A 119 -9.65 15.92 -2.83
C PHE A 119 -10.53 16.50 -1.75
N LEU A 120 -10.28 16.20 -0.47
CA LEU A 120 -11.11 16.71 0.62
C LEU A 120 -10.19 17.34 1.66
N ALA A 121 -10.65 18.44 2.26
CA ALA A 121 -9.94 19.13 3.32
C ALA A 121 -10.94 19.56 4.39
N PRO A 122 -10.50 19.98 5.58
CA PRO A 122 -11.46 20.33 6.64
C PRO A 122 -12.46 21.38 6.17
N GLY A 123 -13.72 21.15 6.52
CA GLY A 123 -14.82 22.00 6.08
C GLY A 123 -15.48 21.53 4.81
N ASP A 124 -14.85 20.61 4.09
CA ASP A 124 -15.47 20.15 2.85
C ASP A 124 -16.57 19.13 3.14
N HIS A 125 -17.40 18.95 2.13
CA HIS A 125 -18.52 18.02 2.16
C HIS A 125 -18.39 16.99 1.04
N CYS A 126 -18.82 15.77 1.32
CA CYS A 126 -18.73 14.72 0.31
C CYS A 126 -20.02 13.91 0.36
N LEU A 127 -20.65 13.69 -0.82
CA LEU A 127 -21.85 12.87 -0.91
C LEU A 127 -21.44 11.47 -1.32
N VAL A 128 -21.88 10.47 -0.56
CA VAL A 128 -21.55 9.08 -0.82
C VAL A 128 -22.84 8.28 -0.92
N THR A 129 -22.89 7.37 -1.88
CA THR A 129 -24.08 6.52 -1.98
C THR A 129 -24.26 5.74 -0.68
N ASN A 130 -25.51 5.67 -0.17
CA ASN A 130 -25.71 5.11 1.16
C ASN A 130 -25.62 3.60 1.18
N CYS A 131 -25.72 2.96 0.01
CA CYS A 131 -25.40 1.54 -0.14
C CYS A 131 -24.02 1.35 -0.75
N SER A 132 -23.03 2.13 -0.31
CA SER A 132 -21.65 1.91 -0.70
C SER A 132 -21.15 0.54 -0.20
N TYR A 133 -20.09 0.04 -0.82
CA TYR A 133 -19.31 -1.01 -0.20
C TYR A 133 -18.96 -0.61 1.23
N GLY A 134 -19.08 -1.56 2.16
CA GLY A 134 -18.91 -1.24 3.58
C GLY A 134 -17.59 -0.59 3.92
N GLY A 135 -16.52 -0.97 3.20
CA GLY A 135 -15.23 -0.34 3.47
C GLY A 135 -15.19 1.12 3.13
N THR A 136 -15.80 1.52 2.00
CA THR A 136 -15.87 2.94 1.67
C THR A 136 -16.60 3.71 2.79
N ASN A 137 -17.77 3.20 3.17
CA ASN A 137 -18.59 3.75 4.26
C ASN A 137 -17.76 3.92 5.56
N ARG A 138 -17.03 2.87 5.99
CA ARG A 138 -16.26 2.93 7.26
C ARG A 138 -14.94 3.74 7.21
N CYS A 139 -14.29 3.85 6.06
CA CYS A 139 -13.15 4.76 5.99
C CYS A 139 -13.65 6.21 6.05
N ALA A 140 -14.85 6.47 5.52
CA ALA A 140 -15.40 7.82 5.63
C ALA A 140 -15.78 8.12 7.07
N ARG A 141 -16.59 7.22 7.65
CA ARG A 141 -17.33 7.51 8.86
C ARG A 141 -16.43 7.50 10.08
N LEU A 142 -15.60 6.50 10.19
CA LEU A 142 -14.58 6.54 11.22
C LEU A 142 -13.63 7.65 10.79
N HIS A 143 -12.82 7.36 9.79
CA HIS A 143 -11.49 7.99 9.78
C HIS A 143 -11.51 9.43 9.27
N PHE A 144 -11.95 9.65 8.02
CA PHE A 144 -11.79 10.99 7.48
C PHE A 144 -12.70 12.01 8.20
N SER A 145 -13.75 11.54 8.85
CA SER A 145 -14.61 12.49 9.54
C SER A 145 -13.87 13.18 10.68
N LYS A 146 -12.81 12.57 11.19
CA LYS A 146 -12.08 13.23 12.27
C LYS A 146 -11.35 14.49 11.78
N TYR A 147 -11.21 14.70 10.48
CA TYR A 147 -10.61 15.90 9.94
C TYR A 147 -11.64 16.99 9.65
N ASN A 148 -12.83 16.89 10.24
CA ASN A 148 -13.92 17.85 10.04
C ASN A 148 -14.35 17.91 8.58
N ILE A 149 -14.35 16.75 7.96
CA ILE A 149 -14.92 16.56 6.63
C ILE A 149 -16.29 15.94 6.84
N ASP A 150 -17.32 16.50 6.17
CA ASP A 150 -18.70 16.09 6.34
C ASP A 150 -19.12 15.12 5.23
N PHE A 151 -19.27 13.86 5.58
CA PHE A 151 -19.79 12.85 4.66
C PHE A 151 -21.27 12.70 4.87
N GLU A 152 -22.02 12.71 3.76
CA GLU A 152 -23.47 12.55 3.79
C GLU A 152 -23.86 11.39 2.89
N PHE A 153 -24.58 10.45 3.44
CA PHE A 153 -24.95 9.21 2.74
C PHE A 153 -26.38 9.35 2.24
N ILE A 154 -26.57 9.21 0.93
CA ILE A 154 -27.89 9.43 0.33
C ILE A 154 -28.17 8.36 -0.71
N ASP A 155 -29.42 8.33 -1.16
CA ASP A 155 -29.91 7.32 -2.11
C ASP A 155 -29.66 7.83 -3.54
N PHE A 156 -28.66 7.23 -4.21
CA PHE A 156 -28.29 7.66 -5.55
C PHE A 156 -29.23 7.11 -6.65
N ARG A 157 -30.25 6.33 -6.30
CA ARG A 157 -31.13 5.82 -7.35
C ARG A 157 -31.92 6.93 -8.03
N ASP A 158 -32.08 8.08 -7.38
CA ASP A 158 -32.69 9.24 -8.04
C ASP A 158 -31.67 10.34 -8.15
N PRO A 159 -31.26 10.74 -9.35
CA PRO A 159 -30.21 11.77 -9.45
C PRO A 159 -30.62 13.10 -8.81
N THR A 160 -31.93 13.37 -8.72
CA THR A 160 -32.29 14.65 -8.12
C THR A 160 -31.96 14.68 -6.63
N ASN A 161 -31.86 13.53 -5.95
CA ASN A 161 -31.34 13.52 -4.58
C ASN A 161 -29.93 14.09 -4.54
N VAL A 162 -29.10 13.73 -5.53
CA VAL A 162 -27.74 14.28 -5.57
C VAL A 162 -27.79 15.77 -5.79
N GLU A 163 -28.59 16.19 -6.78
CA GLU A 163 -28.68 17.61 -7.10
C GLU A 163 -29.11 18.43 -5.88
N LYS A 164 -30.07 17.91 -5.11
CA LYS A 164 -30.60 18.66 -3.96
C LYS A 164 -29.66 18.69 -2.79
N ALA A 165 -28.72 17.73 -2.69
CA ALA A 165 -27.89 17.62 -1.49
C ALA A 165 -26.52 18.26 -1.65
N ILE A 166 -26.19 18.72 -2.84
CA ILE A 166 -24.91 19.39 -3.07
C ILE A 166 -24.92 20.73 -2.35
N ARG A 167 -23.84 21.04 -1.65
CA ARG A 167 -23.66 22.28 -0.89
C ARG A 167 -22.56 23.08 -1.54
N PRO A 168 -22.41 24.35 -1.16
CA PRO A 168 -21.21 25.08 -1.61
C PRO A 168 -19.92 24.39 -1.20
N GLN A 169 -19.94 23.61 -0.12
CA GLN A 169 -18.73 22.97 0.37
C GLN A 169 -18.52 21.61 -0.28
N THR A 170 -19.45 21.15 -1.15
CA THR A 170 -19.30 19.80 -1.73
C THR A 170 -18.17 19.78 -2.74
N LYS A 171 -17.20 18.87 -2.54
CA LYS A 171 -16.07 18.73 -3.45
C LYS A 171 -16.11 17.41 -4.23
N VAL A 172 -16.77 16.40 -3.67
CA VAL A 172 -16.78 15.05 -4.26
C VAL A 172 -18.18 14.48 -4.12
N VAL A 173 -18.69 13.90 -5.22
CA VAL A 173 -19.86 13.03 -5.25
C VAL A 173 -19.33 11.65 -5.63
N PHE A 174 -19.55 10.66 -4.76
CA PHE A 174 -18.92 9.33 -4.90
C PHE A 174 -20.03 8.31 -5.10
N SER A 175 -20.21 7.87 -6.35
CA SER A 175 -21.21 6.88 -6.71
C SER A 175 -20.58 5.49 -6.81
N GLU A 176 -21.43 4.47 -6.84
CA GLU A 176 -21.04 3.07 -6.99
C GLU A 176 -22.16 2.44 -7.81
N SER A 177 -21.82 1.70 -8.84
CA SER A 177 -22.91 1.11 -9.61
C SER A 177 -22.41 -0.11 -10.37
N PRO A 178 -23.07 -1.28 -10.26
CA PRO A 178 -24.05 -1.64 -9.25
C PRO A 178 -23.46 -1.51 -7.84
N CYS A 179 -24.32 -1.27 -6.86
CA CYS A 179 -23.91 -1.13 -5.47
C CYS A 179 -23.61 -2.47 -4.80
N ASN A 180 -22.63 -2.45 -3.90
CA ASN A 180 -22.32 -3.60 -3.04
C ASN A 180 -23.10 -3.50 -1.72
N PRO A 181 -24.01 -4.45 -1.39
CA PRO A 181 -24.39 -5.74 -2.01
C PRO A 181 -25.76 -5.76 -2.69
N THR A 182 -26.50 -4.65 -2.62
CA THR A 182 -27.90 -4.59 -3.06
C THR A 182 -28.09 -4.55 -4.57
N LEU A 183 -27.03 -4.23 -5.34
CA LEU A 183 -27.05 -4.10 -6.79
C LEU A 183 -27.94 -2.96 -7.28
N TYR A 184 -28.23 -1.97 -6.42
CA TYR A 184 -28.84 -0.75 -6.93
C TYR A 184 -27.95 -0.12 -7.99
N LEU A 185 -28.59 0.51 -8.98
CA LEU A 185 -27.88 1.25 -10.02
C LEU A 185 -27.93 2.74 -9.73
N ALA A 186 -26.92 3.45 -10.19
CA ALA A 186 -26.89 4.89 -10.20
C ALA A 186 -26.79 5.32 -11.64
N ASP A 187 -27.53 6.36 -12.02
CA ASP A 187 -27.51 6.82 -13.40
C ASP A 187 -26.29 7.72 -13.63
N ILE A 188 -25.19 7.11 -14.09
CA ILE A 188 -23.91 7.81 -14.09
C ILE A 188 -23.92 9.02 -15.02
N GLU A 189 -24.54 8.90 -16.19
CA GLU A 189 -24.63 10.04 -17.10
C GLU A 189 -25.41 11.21 -16.46
N ALA A 190 -26.54 10.92 -15.82
CA ALA A 190 -27.32 12.03 -15.25
C ALA A 190 -26.58 12.68 -14.08
N ILE A 191 -25.97 11.86 -13.23
CA ILE A 191 -25.24 12.40 -12.09
C ILE A 191 -24.05 13.22 -12.57
N SER A 192 -23.37 12.75 -13.62
CA SER A 192 -22.27 13.55 -14.17
C SER A 192 -22.78 14.91 -14.66
N GLN A 193 -23.94 14.94 -15.33
CA GLN A 193 -24.46 16.24 -15.77
C GLN A 193 -24.68 17.18 -14.60
N ILE A 194 -25.28 16.68 -13.52
CA ILE A 194 -25.45 17.47 -12.31
C ILE A 194 -24.08 17.94 -11.78
N CYS A 195 -23.12 17.05 -11.72
CA CYS A 195 -21.84 17.40 -11.10
C CYS A 195 -21.09 18.43 -11.94
N LYS A 196 -21.21 18.33 -13.26
CA LYS A 196 -20.60 19.29 -14.18
C LYS A 196 -21.21 20.67 -13.95
N GLU A 197 -22.54 20.73 -13.81
CA GLU A 197 -23.18 22.03 -13.58
C GLU A 197 -22.70 22.68 -12.29
N LYS A 198 -22.54 21.91 -11.22
CA LYS A 198 -22.18 22.43 -9.92
C LYS A 198 -20.67 22.50 -9.73
N LYS A 199 -19.90 22.11 -10.74
CA LYS A 199 -18.43 22.02 -10.68
C LYS A 199 -17.97 21.25 -9.44
N VAL A 200 -18.47 20.01 -9.33
CA VAL A 200 -18.10 19.06 -8.28
C VAL A 200 -17.50 17.83 -8.97
N LEU A 201 -16.51 17.23 -8.32
CA LEU A 201 -15.91 16.01 -8.86
C LEU A 201 -16.85 14.83 -8.70
N HIS A 202 -17.10 14.09 -9.81
CA HIS A 202 -17.89 12.86 -9.75
C HIS A 202 -16.92 11.68 -9.85
N VAL A 203 -16.84 10.92 -8.77
CA VAL A 203 -15.98 9.74 -8.66
C VAL A 203 -16.92 8.54 -8.68
N CYS A 204 -16.66 7.55 -9.55
CA CYS A 204 -17.52 6.37 -9.60
C CYS A 204 -16.73 5.09 -9.37
N ASP A 205 -17.17 4.30 -8.39
CA ASP A 205 -16.63 2.96 -8.13
C ASP A 205 -17.43 1.95 -8.95
N SER A 206 -16.86 1.53 -10.08
CA SER A 206 -17.53 0.60 -10.97
C SER A 206 -16.93 -0.82 -10.88
N THR A 207 -16.39 -1.18 -9.72
CA THR A 207 -15.86 -2.54 -9.49
C THR A 207 -16.83 -3.63 -9.91
N PHE A 208 -18.11 -3.54 -9.47
CA PHE A 208 -19.04 -4.61 -9.78
C PHE A 208 -19.41 -4.69 -11.25
N ALA A 209 -19.30 -3.59 -11.99
CA ALA A 209 -19.68 -3.58 -13.40
C ALA A 209 -18.59 -4.17 -14.28
N THR A 210 -17.33 -3.77 -14.03
CA THR A 210 -16.17 -3.90 -14.93
C THR A 210 -16.34 -3.00 -16.13
N PRO A 211 -15.24 -2.62 -16.78
CA PRO A 211 -15.35 -1.75 -17.96
C PRO A 211 -15.94 -2.47 -19.16
N TYR A 212 -16.09 -3.79 -19.09
CA TYR A 212 -16.69 -4.52 -20.19
C TYR A 212 -18.20 -4.30 -20.20
N MET A 213 -18.77 -3.99 -19.05
CA MET A 213 -20.20 -3.69 -18.94
C MET A 213 -20.48 -2.18 -18.82
N MET A 214 -19.65 -1.41 -18.13
CA MET A 214 -19.96 0.02 -17.98
C MET A 214 -18.65 0.78 -17.75
N ARG A 215 -18.39 1.78 -18.58
CA ARG A 215 -17.24 2.67 -18.42
C ARG A 215 -17.70 4.05 -17.93
N PRO A 216 -17.58 4.38 -16.64
CA PRO A 216 -18.12 5.67 -16.17
C PRO A 216 -17.46 6.85 -16.82
N LEU A 217 -16.19 6.75 -17.24
CA LEU A 217 -15.56 7.90 -17.90
C LEU A 217 -16.25 8.22 -19.20
N ASP A 218 -16.74 7.19 -19.91
CA ASP A 218 -17.54 7.43 -21.14
C ASP A 218 -18.85 8.14 -20.83
N LEU A 219 -19.36 8.00 -19.62
CA LEU A 219 -20.63 8.60 -19.22
C LEU A 219 -20.45 9.89 -18.43
N GLY A 220 -19.24 10.46 -18.43
CA GLY A 220 -18.98 11.78 -17.91
C GLY A 220 -18.39 11.85 -16.52
N ALA A 221 -18.12 10.69 -15.91
CA ALA A 221 -17.50 10.75 -14.58
C ALA A 221 -16.12 11.39 -14.70
N ASP A 222 -15.66 12.02 -13.60
CA ASP A 222 -14.33 12.61 -13.64
C ASP A 222 -13.23 11.63 -13.22
N ILE A 223 -13.59 10.68 -12.37
CA ILE A 223 -12.62 9.70 -11.87
C ILE A 223 -13.34 8.36 -11.75
N VAL A 224 -12.62 7.26 -12.02
CA VAL A 224 -13.13 5.92 -11.74
C VAL A 224 -12.23 5.27 -10.72
N VAL A 225 -12.83 4.64 -9.73
CA VAL A 225 -12.11 3.78 -8.78
C VAL A 225 -12.44 2.33 -9.08
N GLN A 226 -11.39 1.48 -9.12
CA GLN A 226 -11.57 0.04 -9.24
C GLN A 226 -10.85 -0.71 -8.14
N SER A 227 -11.52 -1.70 -7.56
CA SER A 227 -10.81 -2.76 -6.86
C SER A 227 -10.40 -3.78 -7.92
N THR A 228 -9.10 -3.79 -8.28
CA THR A 228 -8.66 -4.78 -9.28
C THR A 228 -8.61 -6.18 -8.69
N THR A 229 -8.67 -6.29 -7.37
CA THR A 229 -8.78 -7.56 -6.66
C THR A 229 -9.88 -8.44 -7.26
N LYS A 230 -10.99 -7.82 -7.66
CA LYS A 230 -12.23 -8.57 -7.89
C LYS A 230 -12.28 -9.16 -9.30
N TYR A 231 -12.71 -8.39 -10.30
CA TYR A 231 -12.81 -8.92 -11.67
C TYR A 231 -11.55 -8.75 -12.50
N TYR A 232 -10.79 -7.64 -12.32
CA TYR A 232 -9.62 -7.48 -13.16
C TYR A 232 -8.70 -8.68 -12.94
N ASP A 233 -8.49 -9.01 -11.65
CA ASP A 233 -7.78 -10.24 -11.28
C ASP A 233 -8.67 -11.44 -11.62
N GLY A 234 -9.81 -11.58 -10.94
CA GLY A 234 -10.73 -12.63 -11.34
C GLY A 234 -10.29 -14.03 -10.95
N HIS A 235 -9.19 -14.16 -10.22
CA HIS A 235 -8.65 -15.50 -9.93
C HIS A 235 -8.36 -15.69 -8.43
N ASN A 236 -8.83 -14.77 -7.59
CA ASN A 236 -8.58 -14.79 -6.15
C ASN A 236 -7.09 -14.79 -5.82
N CYS A 237 -6.28 -14.22 -6.69
CA CYS A 237 -4.81 -14.26 -6.59
C CYS A 237 -4.22 -13.02 -5.92
N THR A 238 -4.56 -11.80 -6.37
CA THR A 238 -3.90 -10.59 -5.89
C THR A 238 -4.91 -9.66 -5.26
N LEU A 239 -4.40 -8.75 -4.44
CA LEU A 239 -5.12 -7.53 -4.07
C LEU A 239 -4.67 -6.41 -5.00
N GLY A 240 -5.54 -5.46 -5.28
CA GLY A 240 -5.06 -4.29 -6.00
C GLY A 240 -6.17 -3.27 -6.22
N GLY A 241 -5.74 -2.04 -6.52
CA GLY A 241 -6.66 -0.96 -6.79
C GLY A 241 -6.17 -0.13 -7.97
N ALA A 242 -7.13 0.63 -8.55
CA ALA A 242 -6.74 1.57 -9.59
C ALA A 242 -7.61 2.81 -9.53
N VAL A 243 -7.01 3.93 -9.86
CA VAL A 243 -7.70 5.21 -10.00
C VAL A 243 -7.47 5.63 -11.45
N ILE A 244 -8.56 5.79 -12.22
CA ILE A 244 -8.42 6.23 -13.62
C ILE A 244 -9.00 7.63 -13.71
N SER A 245 -8.15 8.56 -14.14
CA SER A 245 -8.46 9.99 -14.19
C SER A 245 -8.85 10.44 -15.59
N SER A 246 -9.86 11.31 -15.64
CA SER A 246 -10.31 11.89 -16.92
C SER A 246 -9.33 12.93 -17.47
N THR A 247 -8.53 13.59 -16.63
CA THR A 247 -7.64 14.65 -17.11
C THR A 247 -6.24 14.52 -16.52
N LYS A 248 -5.29 15.20 -17.19
CA LYS A 248 -3.92 15.30 -16.69
C LYS A 248 -3.85 15.94 -15.31
N GLU A 249 -4.61 17.01 -15.07
CA GLU A 249 -4.58 17.70 -13.78
C GLU A 249 -5.00 16.77 -12.64
N ILE A 250 -6.07 16.00 -12.85
CA ILE A 250 -6.50 15.06 -11.81
C ILE A 250 -5.45 13.95 -11.66
N HIS A 251 -4.97 13.41 -12.78
CA HIS A 251 -4.02 12.31 -12.73
C HIS A 251 -2.78 12.72 -11.93
N ASP A 252 -2.26 13.92 -12.22
CA ASP A 252 -1.03 14.36 -11.56
C ASP A 252 -1.22 14.52 -10.06
N LYS A 253 -2.43 14.94 -9.63
CA LYS A 253 -2.72 15.05 -8.21
C LYS A 253 -2.73 13.67 -7.53
N VAL A 254 -3.35 12.69 -8.20
CA VAL A 254 -3.38 11.32 -7.66
C VAL A 254 -1.96 10.75 -7.60
N PHE A 255 -1.19 10.89 -8.68
CA PHE A 255 0.17 10.32 -8.73
C PHE A 255 1.06 10.91 -7.63
N PHE A 256 0.98 12.24 -7.45
CA PHE A 256 1.79 12.88 -6.41
C PHE A 256 1.46 12.31 -5.04
N LEU A 257 0.15 12.21 -4.72
CA LEU A 257 -0.19 11.77 -3.39
C LEU A 257 0.10 10.28 -3.20
N ARG A 258 0.00 9.48 -4.26
CA ARG A 258 0.37 8.07 -4.10
C ARG A 258 1.82 7.95 -3.62
N ASN A 259 2.70 8.77 -4.16
CA ASN A 259 4.12 8.68 -3.76
C ASN A 259 4.27 9.04 -2.30
N VAL A 260 3.51 10.04 -1.86
CA VAL A 260 3.51 10.43 -0.45
C VAL A 260 2.92 9.36 0.47
N MET A 261 1.81 8.74 0.08
CA MET A 261 1.15 7.78 0.96
C MET A 261 1.83 6.40 0.91
N GLY A 262 2.68 6.18 -0.08
CA GLY A 262 3.43 4.92 -0.14
C GLY A 262 2.56 3.69 -0.39
N ASN A 263 1.48 3.86 -1.17
CA ASN A 263 0.52 2.76 -1.34
C ASN A 263 0.44 2.28 -2.79
N ILE A 264 1.54 2.45 -3.55
CA ILE A 264 1.60 1.92 -4.93
C ILE A 264 1.47 0.38 -4.93
N MET A 265 0.94 -0.14 -6.06
CA MET A 265 0.98 -1.57 -6.37
C MET A 265 2.42 -2.06 -6.58
N SER A 266 2.65 -3.34 -6.23
CA SER A 266 3.97 -3.94 -6.50
C SER A 266 4.08 -4.45 -7.93
N ALA A 267 5.33 -4.56 -8.40
CA ALA A 267 5.54 -5.09 -9.75
C ALA A 267 4.98 -6.50 -9.92
N GLN A 268 5.12 -7.35 -8.89
CA GLN A 268 4.64 -8.74 -9.07
C GLN A 268 3.12 -8.77 -9.17
N THR A 269 2.43 -7.93 -8.39
CA THR A 269 0.97 -7.86 -8.52
C THR A 269 0.60 -7.33 -9.89
N ALA A 270 1.32 -6.31 -10.36
CA ALA A 270 1.01 -5.74 -11.67
C ALA A 270 1.20 -6.80 -12.76
N PHE A 271 2.23 -7.66 -12.62
CA PHE A 271 2.41 -8.72 -13.63
C PHE A 271 1.24 -9.69 -13.63
N TYR A 272 0.82 -10.15 -12.44
CA TYR A 272 -0.34 -11.04 -12.36
C TYR A 272 -1.55 -10.37 -13.05
N THR A 273 -1.79 -9.09 -12.76
CA THR A 273 -3.00 -8.45 -13.29
C THR A 273 -2.90 -8.16 -14.78
N LEU A 274 -1.69 -7.87 -15.28
CA LEU A 274 -1.49 -7.79 -16.71
C LEU A 274 -1.90 -9.10 -17.38
N LEU A 275 -1.59 -10.23 -16.74
CA LEU A 275 -1.94 -11.55 -17.30
C LEU A 275 -3.47 -11.78 -17.21
N THR A 276 -4.05 -11.58 -16.03
CA THR A 276 -5.48 -11.95 -15.85
C THR A 276 -6.40 -11.03 -16.61
N LEU A 277 -6.02 -9.77 -16.85
CA LEU A 277 -6.92 -8.88 -17.57
C LEU A 277 -7.17 -9.35 -18.99
N LYS A 278 -6.21 -10.11 -19.55
N LYS A 278 -6.23 -10.11 -19.57
CA LYS A 278 -6.33 -10.61 -20.92
CA LYS A 278 -6.43 -10.50 -20.97
C LYS A 278 -7.65 -11.35 -21.14
C LYS A 278 -7.68 -11.36 -21.17
N THR A 279 -8.12 -12.09 -20.12
CA THR A 279 -9.32 -12.91 -20.24
C THR A 279 -10.55 -12.26 -19.61
N LEU A 280 -10.50 -10.98 -19.19
CA LEU A 280 -11.70 -10.42 -18.55
C LEU A 280 -12.94 -10.52 -19.45
N PRO A 281 -12.90 -10.15 -20.73
CA PRO A 281 -14.14 -10.30 -21.54
C PRO A 281 -14.69 -11.70 -21.53
N ILE A 282 -13.86 -12.73 -21.80
CA ILE A 282 -14.46 -14.08 -21.88
C ILE A 282 -14.87 -14.62 -20.48
N ARG A 283 -14.18 -14.18 -19.42
CA ARG A 283 -14.63 -14.55 -18.09
C ARG A 283 -15.98 -13.92 -17.77
N VAL A 284 -16.09 -12.61 -17.96
CA VAL A 284 -17.34 -11.91 -17.61
C VAL A 284 -18.50 -12.42 -18.46
N GLU A 285 -18.25 -12.74 -19.73
CA GLU A 285 -19.32 -13.35 -20.55
C GLU A 285 -19.80 -14.66 -19.95
N LYS A 286 -18.88 -15.52 -19.52
CA LYS A 286 -19.29 -16.80 -18.95
C LYS A 286 -19.99 -16.62 -17.60
N GLN A 287 -19.40 -15.79 -16.72
CA GLN A 287 -20.01 -15.52 -15.41
C GLN A 287 -21.43 -14.96 -15.58
N SER A 288 -21.60 -14.07 -16.54
CA SER A 288 -22.90 -13.41 -16.72
C SER A 288 -23.92 -14.38 -17.30
N ALA A 289 -23.49 -15.25 -18.24
CA ALA A 289 -24.43 -16.26 -18.74
C ALA A 289 -24.87 -17.20 -17.62
N ASN A 290 -23.91 -17.62 -16.78
CA ASN A 290 -24.25 -18.45 -15.63
C ASN A 290 -25.19 -17.71 -14.68
N ALA A 291 -24.91 -16.41 -14.42
CA ALA A 291 -25.69 -15.63 -13.44
C ALA A 291 -27.14 -15.49 -13.93
N GLN A 292 -27.32 -15.23 -15.21
CA GLN A 292 -28.69 -15.14 -15.77
C GLN A 292 -29.45 -16.42 -15.50
N LYS A 293 -28.83 -17.56 -15.76
CA LYS A 293 -29.52 -18.84 -15.53
C LYS A 293 -29.82 -19.07 -14.05
N ILE A 294 -28.85 -18.76 -13.17
CA ILE A 294 -29.09 -18.94 -11.74
C ILE A 294 -30.20 -18.02 -11.26
N ALA A 295 -30.20 -16.76 -11.75
CA ALA A 295 -31.24 -15.81 -11.33
C ALA A 295 -32.61 -16.30 -11.75
N GLU A 296 -32.71 -16.82 -12.97
CA GLU A 296 -34.00 -17.38 -13.41
C GLU A 296 -34.43 -18.57 -12.56
N PHE A 297 -33.49 -19.47 -12.24
CA PHE A 297 -33.79 -20.59 -11.37
C PHE A 297 -34.29 -20.11 -10.02
N LEU A 298 -33.59 -19.14 -9.43
CA LEU A 298 -33.95 -18.69 -8.08
C LEU A 298 -35.31 -17.99 -8.10
N SER A 299 -35.64 -17.33 -9.20
CA SER A 299 -36.89 -16.57 -9.27
C SER A 299 -38.12 -17.48 -9.30
N LYS A 300 -37.92 -18.78 -9.52
CA LYS A 300 -39.03 -19.74 -9.51
C LYS A 300 -39.05 -20.65 -8.28
N HIS A 301 -38.08 -20.51 -7.37
CA HIS A 301 -37.93 -21.44 -6.28
C HIS A 301 -38.78 -20.98 -5.10
N HIS A 302 -39.54 -21.91 -4.52
CA HIS A 302 -40.54 -21.53 -3.52
C HIS A 302 -39.94 -21.09 -2.18
N LYS A 303 -38.66 -21.41 -1.91
CA LYS A 303 -37.99 -20.99 -0.69
C LYS A 303 -37.38 -19.59 -0.79
N VAL A 304 -37.45 -18.97 -1.96
CA VAL A 304 -36.78 -17.72 -2.26
C VAL A 304 -37.82 -16.61 -2.33
N GLU A 305 -37.62 -15.55 -1.55
CA GLU A 305 -38.59 -14.48 -1.42
C GLU A 305 -38.42 -13.46 -2.54
N HIS A 306 -37.18 -13.09 -2.87
CA HIS A 306 -36.91 -12.07 -3.87
C HIS A 306 -35.57 -12.43 -4.51
N VAL A 307 -35.43 -12.10 -5.78
CA VAL A 307 -34.16 -12.26 -6.53
C VAL A 307 -33.82 -10.92 -7.17
N ILE A 308 -32.54 -10.50 -7.05
CA ILE A 308 -32.07 -9.24 -7.58
C ILE A 308 -31.00 -9.56 -8.63
N TYR A 309 -31.32 -9.30 -9.89
CA TYR A 309 -30.34 -9.45 -11.00
C TYR A 309 -30.74 -8.54 -12.13
N PRO A 310 -29.84 -7.70 -12.66
CA PRO A 310 -30.27 -6.71 -13.65
C PRO A 310 -30.83 -7.32 -14.92
N GLY A 311 -30.60 -8.61 -15.17
CA GLY A 311 -31.07 -9.26 -16.38
C GLY A 311 -32.42 -9.96 -16.30
N ILE A 312 -33.11 -9.93 -15.16
CA ILE A 312 -34.42 -10.58 -15.09
C ILE A 312 -35.51 -9.51 -15.02
N PRO A 313 -36.73 -9.82 -15.46
CA PRO A 313 -37.74 -8.75 -15.61
C PRO A 313 -38.19 -8.13 -14.29
N SER A 314 -38.03 -8.81 -13.15
CA SER A 314 -38.35 -8.22 -11.84
C SER A 314 -37.38 -7.15 -11.38
N PHE A 315 -36.28 -6.90 -12.10
CA PHE A 315 -35.30 -5.94 -11.60
C PHE A 315 -35.92 -4.54 -11.53
N PRO A 316 -35.87 -3.87 -10.36
CA PRO A 316 -36.58 -2.58 -10.24
C PRO A 316 -36.06 -1.50 -11.15
N GLN A 317 -34.76 -1.49 -11.44
CA GLN A 317 -34.21 -0.48 -12.36
C GLN A 317 -33.93 -1.06 -13.75
N LYS A 318 -34.85 -1.86 -14.29
CA LYS A 318 -34.57 -2.51 -15.57
C LYS A 318 -34.37 -1.48 -16.69
N GLU A 319 -35.08 -0.35 -16.65
CA GLU A 319 -34.89 0.66 -17.69
C GLU A 319 -33.46 1.23 -17.70
N LEU A 320 -32.94 1.55 -16.52
CA LEU A 320 -31.57 2.08 -16.46
C LEU A 320 -30.56 0.98 -16.81
N ALA A 321 -30.82 -0.26 -16.42
CA ALA A 321 -29.91 -1.36 -16.76
C ALA A 321 -29.80 -1.51 -18.25
N LEU A 322 -30.94 -1.38 -18.96
CA LEU A 322 -30.85 -1.50 -20.40
C LEU A 322 -30.12 -0.32 -21.01
N LYS A 323 -30.19 0.88 -20.40
CA LYS A 323 -29.48 2.03 -20.96
C LYS A 323 -27.99 1.99 -20.66
N GLN A 324 -27.61 1.50 -19.49
CA GLN A 324 -26.27 1.72 -18.96
C GLN A 324 -25.37 0.50 -19.07
N HIS A 325 -25.94 -0.69 -19.27
CA HIS A 325 -25.15 -1.92 -19.30
C HIS A 325 -24.86 -2.32 -20.74
N LYS A 326 -23.59 -2.55 -21.06
CA LYS A 326 -23.17 -3.09 -22.36
C LYS A 326 -22.85 -4.57 -22.22
N ASN A 327 -23.14 -5.34 -23.30
CA ASN A 327 -22.74 -6.75 -23.45
C ASN A 327 -23.46 -7.75 -22.55
N VAL A 328 -23.53 -7.50 -21.24
CA VAL A 328 -23.92 -8.47 -20.23
C VAL A 328 -24.64 -7.71 -19.12
N HIS A 329 -25.20 -8.44 -18.15
CA HIS A 329 -25.67 -7.83 -16.92
C HIS A 329 -24.86 -8.23 -15.70
N GLY A 330 -23.71 -8.88 -15.90
CA GLY A 330 -22.75 -9.04 -14.81
C GLY A 330 -22.82 -10.39 -14.10
N GLY A 331 -21.75 -10.65 -13.29
CA GLY A 331 -21.69 -11.89 -12.54
C GLY A 331 -22.27 -11.86 -11.14
N MET A 332 -22.79 -10.70 -10.70
CA MET A 332 -23.25 -10.56 -9.32
C MET A 332 -24.78 -10.63 -9.28
N LEU A 333 -25.29 -11.32 -8.28
CA LEU A 333 -26.74 -11.32 -8.04
C LEU A 333 -26.97 -11.41 -6.53
N ALA A 334 -28.23 -11.19 -6.12
CA ALA A 334 -28.52 -11.34 -4.71
C ALA A 334 -29.92 -11.96 -4.59
N PHE A 335 -30.18 -12.55 -3.43
CA PHE A 335 -31.55 -13.03 -3.18
C PHE A 335 -31.82 -13.08 -1.69
N GLU A 336 -33.11 -13.17 -1.34
CA GLU A 336 -33.53 -13.27 0.05
C GLU A 336 -34.23 -14.61 0.25
N VAL A 337 -33.79 -15.36 1.24
CA VAL A 337 -34.38 -16.66 1.55
C VAL A 337 -35.56 -16.43 2.48
N LYS A 338 -36.67 -17.12 2.25
CA LYS A 338 -37.82 -17.00 3.16
C LYS A 338 -37.47 -17.56 4.54
N GLY A 339 -37.95 -16.88 5.58
CA GLY A 339 -37.66 -17.33 6.94
C GLY A 339 -36.56 -16.58 7.64
N GLY A 340 -36.09 -15.47 7.07
CA GLY A 340 -35.19 -14.57 7.77
C GLY A 340 -33.82 -15.15 8.08
N THR A 341 -33.27 -14.66 9.19
CA THR A 341 -31.86 -14.89 9.47
C THR A 341 -31.55 -16.35 9.70
N GLU A 342 -32.40 -17.05 10.45
CA GLU A 342 -32.13 -18.45 10.75
C GLU A 342 -32.10 -19.27 9.48
N ALA A 343 -33.03 -18.99 8.56
CA ALA A 343 -33.08 -19.71 7.29
C ALA A 343 -31.87 -19.42 6.44
N GLY A 344 -31.46 -18.13 6.39
CA GLY A 344 -30.25 -17.78 5.67
C GLY A 344 -29.03 -18.50 6.20
N ILE A 345 -28.94 -18.62 7.52
CA ILE A 345 -27.78 -19.28 8.11
C ILE A 345 -27.80 -20.79 7.80
N ARG A 346 -28.96 -21.44 7.92
CA ARG A 346 -29.01 -22.86 7.58
C ARG A 346 -28.58 -23.09 6.13
N MET A 347 -29.05 -22.20 5.25
CA MET A 347 -28.70 -22.29 3.83
C MET A 347 -27.19 -22.15 3.63
N MET A 348 -26.59 -21.08 4.18
CA MET A 348 -25.14 -20.85 4.04
C MET A 348 -24.35 -22.02 4.58
N ASN A 349 -24.74 -22.55 5.75
CA ASN A 349 -23.99 -23.63 6.34
C ASN A 349 -24.05 -24.90 5.52
N HIS A 350 -25.01 -24.99 4.58
CA HIS A 350 -25.15 -26.18 3.76
C HIS A 350 -24.95 -25.93 2.27
N VAL A 351 -24.27 -24.86 1.89
CA VAL A 351 -24.05 -24.70 0.44
C VAL A 351 -22.83 -25.54 0.07
N PRO A 352 -22.97 -26.53 -0.80
CA PRO A 352 -21.87 -27.47 -1.04
C PRO A 352 -20.90 -26.94 -2.09
N ARG A 353 -19.73 -27.60 -2.15
CA ARG A 353 -18.84 -27.35 -3.29
C ARG A 353 -19.64 -27.66 -4.56
N PRO A 354 -19.40 -26.94 -5.66
CA PRO A 354 -18.22 -26.07 -5.90
C PRO A 354 -18.30 -24.67 -5.30
N TRP A 355 -19.40 -24.29 -4.62
CA TRP A 355 -19.46 -22.98 -3.99
C TRP A 355 -18.43 -22.84 -2.88
N SER A 356 -17.97 -21.60 -2.70
CA SER A 356 -17.12 -21.27 -1.56
C SER A 356 -17.82 -20.24 -0.67
N LEU A 357 -17.81 -20.52 0.64
CA LEU A 357 -18.42 -19.64 1.64
C LEU A 357 -17.33 -18.69 2.14
N CYS A 358 -17.34 -17.43 1.67
CA CYS A 358 -16.25 -16.51 1.97
C CYS A 358 -16.58 -15.11 1.50
N GLU A 359 -15.73 -14.16 1.88
CA GLU A 359 -15.77 -12.80 1.36
C GLU A 359 -15.19 -12.76 -0.05
N SER A 360 -15.26 -11.58 -0.64
CA SER A 360 -14.76 -11.21 -1.97
C SER A 360 -15.73 -11.70 -3.05
N LEU A 361 -15.40 -11.42 -4.29
CA LEU A 361 -16.31 -11.60 -5.42
C LEU A 361 -15.48 -11.42 -6.68
N GLY A 362 -16.07 -11.74 -7.84
CA GLY A 362 -15.48 -11.45 -9.14
C GLY A 362 -14.68 -12.61 -9.73
N ALA A 363 -14.51 -13.68 -8.99
CA ALA A 363 -13.54 -14.70 -9.34
C ALA A 363 -14.13 -15.83 -10.20
N CYS A 364 -13.22 -16.62 -10.77
CA CYS A 364 -13.58 -17.86 -11.46
C CYS A 364 -14.30 -18.83 -10.55
N GLU A 365 -13.94 -18.84 -9.25
CA GLU A 365 -14.57 -19.67 -8.23
C GLU A 365 -15.81 -18.94 -7.71
N SER A 366 -16.97 -19.61 -7.77
CA SER A 366 -18.22 -19.01 -7.31
C SER A 366 -18.20 -18.84 -5.79
N ILE A 367 -18.69 -17.69 -5.33
CA ILE A 367 -18.60 -17.31 -3.92
C ILE A 367 -20.00 -16.94 -3.43
N ILE A 368 -20.32 -17.32 -2.21
CA ILE A 368 -21.60 -16.89 -1.65
C ILE A 368 -21.35 -16.34 -0.24
N THR A 369 -22.08 -15.29 0.12
CA THR A 369 -22.00 -14.86 1.50
C THR A 369 -23.30 -14.19 1.94
N CYS A 370 -23.45 -14.03 3.26
CA CYS A 370 -24.60 -13.33 3.83
C CYS A 370 -24.11 -12.04 4.46
N PRO A 371 -24.31 -10.89 3.79
CA PRO A 371 -23.68 -9.65 4.26
C PRO A 371 -24.10 -9.21 5.65
N ALA A 372 -25.27 -9.63 6.13
CA ALA A 372 -25.70 -9.20 7.45
C ALA A 372 -24.80 -9.77 8.54
N VAL A 373 -24.24 -10.95 8.30
CA VAL A 373 -23.45 -11.65 9.30
C VAL A 373 -21.94 -11.48 9.08
N PHE A 374 -21.52 -10.96 7.92
CA PHE A 374 -20.10 -10.84 7.63
C PHE A 374 -19.71 -9.45 7.16
N THR A 375 -19.93 -9.13 5.87
CA THR A 375 -19.39 -7.90 5.27
C THR A 375 -20.01 -6.65 5.91
N HIS A 376 -21.34 -6.61 6.03
CA HIS A 376 -22.02 -5.46 6.62
C HIS A 376 -22.64 -5.82 7.97
N ALA A 377 -21.92 -6.58 8.81
CA ALA A 377 -22.32 -6.82 10.19
C ALA A 377 -21.84 -5.72 11.15
N ASN A 378 -20.97 -4.83 10.68
CA ASN A 378 -20.59 -3.60 11.35
C ASN A 378 -21.65 -2.51 11.26
N MET A 379 -22.74 -2.76 10.50
CA MET A 379 -23.84 -1.82 10.35
C MET A 379 -25.01 -2.23 11.24
N LEU A 380 -25.56 -1.27 12.00
CA LEU A 380 -26.69 -1.51 12.89
C LEU A 380 -27.86 -2.15 12.13
N ARG A 381 -28.45 -3.20 12.73
CA ARG A 381 -29.54 -3.91 12.05
C ARG A 381 -30.61 -2.95 11.54
N GLU A 382 -30.96 -1.94 12.36
CA GLU A 382 -31.90 -0.94 11.90
C GLU A 382 -31.38 -0.22 10.65
N ASP A 383 -30.08 0.10 10.62
CA ASP A 383 -29.50 0.77 9.45
C ASP A 383 -29.29 -0.22 8.29
N ARG A 384 -28.89 -1.46 8.62
CA ARG A 384 -28.88 -2.54 7.63
C ARG A 384 -30.17 -2.59 6.85
N LEU A 385 -31.31 -2.65 7.55
CA LEU A 385 -32.61 -2.64 6.88
C LEU A 385 -32.87 -1.32 6.17
N LYS A 386 -32.39 -0.20 6.74
CA LYS A 386 -32.56 1.08 6.06
C LYS A 386 -31.92 1.07 4.68
N VAL A 387 -30.84 0.30 4.50
CA VAL A 387 -30.14 0.26 3.22
C VAL A 387 -30.48 -1.00 2.40
N GLY A 388 -31.45 -1.80 2.82
CA GLY A 388 -31.91 -2.91 2.02
C GLY A 388 -31.23 -4.25 2.27
N ILE A 389 -30.25 -4.32 3.17
CA ILE A 389 -29.67 -5.60 3.54
C ILE A 389 -30.59 -6.29 4.53
N THR A 390 -31.60 -6.98 4.00
CA THR A 390 -32.59 -7.64 4.83
C THR A 390 -31.98 -8.85 5.53
N ASP A 391 -32.75 -9.43 6.47
CA ASP A 391 -32.22 -10.47 7.33
C ASP A 391 -31.80 -11.71 6.54
N GLY A 392 -32.58 -12.07 5.53
CA GLY A 392 -32.26 -13.28 4.77
C GLY A 392 -31.52 -13.01 3.48
N PHE A 393 -30.81 -11.88 3.39
CA PHE A 393 -30.21 -11.42 2.13
C PHE A 393 -28.85 -12.10 1.87
N ILE A 394 -28.65 -12.57 0.65
CA ILE A 394 -27.50 -13.41 0.30
C ILE A 394 -26.88 -12.75 -0.93
N ARG A 395 -25.58 -12.44 -0.89
CA ARG A 395 -24.88 -11.90 -2.05
C ARG A 395 -24.17 -13.05 -2.75
N VAL A 396 -24.35 -13.15 -4.06
CA VAL A 396 -23.82 -14.28 -4.82
C VAL A 396 -22.89 -13.74 -5.91
N SER A 397 -21.63 -14.25 -5.92
CA SER A 397 -20.69 -13.91 -6.99
C SER A 397 -20.54 -15.16 -7.86
N VAL A 398 -21.00 -15.08 -9.11
CA VAL A 398 -21.05 -16.27 -9.96
C VAL A 398 -19.72 -16.42 -10.69
N GLY A 399 -19.15 -17.62 -10.61
CA GLY A 399 -17.93 -17.99 -11.30
C GLY A 399 -18.18 -18.69 -12.63
N ILE A 400 -17.15 -19.40 -13.11
CA ILE A 400 -17.16 -19.98 -14.47
C ILE A 400 -17.29 -21.52 -14.43
N GLU A 401 -17.69 -22.12 -13.31
CA GLU A 401 -18.01 -23.53 -13.26
C GLU A 401 -19.22 -23.85 -14.14
N ASP A 402 -19.46 -25.15 -14.28
CA ASP A 402 -20.67 -25.57 -14.97
C ASP A 402 -21.90 -25.14 -14.17
N VAL A 403 -22.84 -24.46 -14.86
CA VAL A 403 -23.97 -23.87 -14.15
C VAL A 403 -24.84 -24.93 -13.48
N ASN A 404 -24.83 -26.16 -14.00
CA ASN A 404 -25.67 -27.20 -13.36
C ASN A 404 -25.13 -27.60 -11.99
N ASP A 405 -23.80 -27.60 -11.82
CA ASP A 405 -23.27 -27.82 -10.49
C ASP A 405 -23.65 -26.69 -9.53
N LEU A 406 -23.58 -25.45 -10.02
CA LEU A 406 -23.91 -24.29 -9.18
C LEU A 406 -25.39 -24.32 -8.77
N ILE A 407 -26.26 -24.61 -9.74
CA ILE A 407 -27.70 -24.66 -9.44
C ILE A 407 -28.04 -25.85 -8.57
N ASP A 408 -27.49 -27.05 -8.84
CA ASP A 408 -27.74 -28.18 -7.96
C ASP A 408 -27.29 -27.87 -6.54
N GLY A 409 -26.16 -27.18 -6.38
CA GLY A 409 -25.70 -26.87 -5.03
C GLY A 409 -26.63 -25.90 -4.31
N LEU A 410 -27.07 -24.85 -5.02
CA LEU A 410 -28.03 -23.92 -4.40
C LEU A 410 -29.32 -24.64 -4.05
N ASP A 411 -29.80 -25.52 -4.94
CA ASP A 411 -31.04 -26.23 -4.66
C ASP A 411 -30.92 -27.10 -3.42
N TYR A 412 -29.78 -27.79 -3.25
CA TYR A 412 -29.54 -28.57 -2.05
C TYR A 412 -29.54 -27.67 -0.82
N ALA A 413 -28.77 -26.57 -0.88
CA ALA A 413 -28.71 -25.66 0.29
C ALA A 413 -30.11 -25.13 0.65
N LEU A 414 -30.91 -24.75 -0.36
CA LEU A 414 -32.25 -24.22 -0.09
C LEU A 414 -33.14 -25.27 0.55
N SER A 415 -32.89 -26.57 0.29
CA SER A 415 -33.69 -27.63 0.93
C SER A 415 -33.46 -27.70 2.43
N LYS A 416 -32.38 -27.10 2.94
CA LYS A 416 -32.08 -27.05 4.37
C LYS A 416 -32.57 -25.77 5.04
N ALA A 417 -32.93 -24.76 4.27
CA ALA A 417 -33.46 -23.51 4.80
C ALA A 417 -34.88 -23.68 5.42
N VAL B 22 11.33 -33.45 25.52
CA VAL B 22 11.64 -32.61 24.36
C VAL B 22 12.10 -33.44 23.17
N LYS B 23 11.42 -33.27 22.04
CA LYS B 23 11.69 -34.07 20.85
C LYS B 23 12.02 -33.13 19.69
N ALA B 24 12.54 -33.71 18.60
CA ALA B 24 12.75 -32.95 17.37
C ALA B 24 11.53 -32.09 17.07
N GLY B 25 11.76 -30.86 16.60
CA GLY B 25 10.67 -29.91 16.39
C GLY B 25 10.31 -29.02 17.55
N ASP B 26 10.82 -29.29 18.76
CA ASP B 26 10.56 -28.49 19.94
C ASP B 26 11.80 -27.68 20.30
N TRP B 27 11.59 -26.48 20.83
CA TRP B 27 12.67 -25.72 21.47
C TRP B 27 12.88 -26.27 22.87
N LEU B 28 14.11 -26.14 23.37
CA LEU B 28 14.33 -26.46 24.80
C LEU B 28 13.55 -25.52 25.70
N PRO B 29 12.79 -26.04 26.67
CA PRO B 29 11.99 -25.17 27.54
C PRO B 29 12.87 -24.34 28.45
N GLY B 30 12.44 -23.11 28.67
CA GLY B 30 13.15 -22.20 29.56
C GLY B 30 14.44 -21.61 29.01
N PHE B 31 14.74 -21.79 27.73
CA PHE B 31 15.89 -21.17 27.07
C PHE B 31 15.39 -20.07 26.14
N THR B 32 15.93 -18.87 26.26
CA THR B 32 15.71 -17.83 25.22
C THR B 32 16.71 -18.04 24.09
N PRO B 33 16.28 -18.28 22.85
CA PRO B 33 17.27 -18.40 21.76
C PRO B 33 18.06 -17.12 21.63
N ARG B 34 19.33 -17.29 21.23
CA ARG B 34 20.23 -16.17 21.06
C ARG B 34 19.84 -15.38 19.80
N GLU B 35 20.42 -14.18 19.69
CA GLU B 35 19.96 -13.19 18.72
C GLU B 35 20.04 -13.70 17.26
N GLU B 36 21.20 -14.23 16.82
CA GLU B 36 21.28 -14.65 15.41
C GLU B 36 20.31 -15.81 15.10
N THR B 37 20.02 -16.64 16.11
CA THR B 37 19.04 -17.69 15.91
C THR B 37 17.68 -17.10 15.62
N VAL B 38 17.32 -16.01 16.30
CA VAL B 38 16.02 -15.36 16.08
C VAL B 38 15.94 -14.77 14.67
N TYR B 39 17.04 -14.21 14.16
CA TYR B 39 16.97 -13.75 12.77
C TYR B 39 16.69 -14.91 11.81
N VAL B 40 17.28 -16.09 12.09
CA VAL B 40 17.04 -17.20 11.16
C VAL B 40 15.64 -17.81 11.32
N HIS B 41 15.18 -17.97 12.58
CA HIS B 41 14.00 -18.78 12.86
C HIS B 41 12.81 -18.01 13.40
N GLY B 42 12.96 -16.74 13.74
CA GLY B 42 11.87 -16.02 14.39
C GLY B 42 10.63 -15.99 13.51
N GLY B 43 9.48 -16.18 14.17
CA GLY B 43 8.16 -16.23 13.58
C GLY B 43 7.85 -17.41 12.68
N VAL B 44 8.76 -18.38 12.51
CA VAL B 44 8.53 -19.39 11.50
C VAL B 44 8.81 -20.73 12.14
N GLU B 45 7.85 -21.63 12.10
CA GLU B 45 8.13 -23.04 12.35
C GLU B 45 7.85 -23.78 11.03
N PRO B 46 8.28 -25.03 10.91
CA PRO B 46 7.93 -25.81 9.71
C PRO B 46 6.41 -25.86 9.57
N ASP B 47 5.97 -25.85 8.31
CA ASP B 47 4.54 -25.90 8.02
C ASP B 47 3.91 -27.11 8.73
N PRO B 48 2.85 -26.92 9.52
CA PRO B 48 2.22 -28.09 10.17
C PRO B 48 1.69 -29.12 9.18
N LEU B 49 1.20 -28.70 8.01
CA LEU B 49 0.58 -29.66 7.10
C LEU B 49 1.61 -30.58 6.42
N THR B 50 2.75 -30.03 5.97
CA THR B 50 3.71 -30.76 5.14
C THR B 50 5.10 -30.87 5.72
N GLY B 51 5.43 -30.11 6.76
CA GLY B 51 6.79 -30.01 7.26
C GLY B 51 7.68 -29.06 6.49
N ALA B 52 7.14 -28.37 5.47
CA ALA B 52 7.99 -27.43 4.70
C ALA B 52 8.81 -26.53 5.64
N ILE B 53 10.11 -26.39 5.34
CA ILE B 53 10.97 -25.69 6.30
C ILE B 53 10.77 -24.19 6.22
N LEU B 54 10.34 -23.66 5.05
CA LEU B 54 10.01 -22.24 4.89
C LEU B 54 8.53 -21.98 4.94
N PRO B 55 8.11 -20.75 5.20
CA PRO B 55 6.68 -20.41 5.09
C PRO B 55 6.18 -20.51 3.65
N PRO B 56 5.18 -21.34 3.39
CA PRO B 56 4.45 -21.29 2.10
C PRO B 56 3.89 -19.89 1.82
N ILE B 57 3.90 -19.49 0.54
CA ILE B 57 3.45 -18.16 0.16
C ILE B 57 1.95 -18.22 -0.05
N TYR B 58 1.19 -17.49 0.77
CA TYR B 58 -0.27 -17.48 0.65
C TYR B 58 -0.69 -16.41 -0.36
N GLN B 59 -0.49 -16.73 -1.64
CA GLN B 59 -0.79 -15.83 -2.76
C GLN B 59 -2.27 -15.99 -3.08
N ASN B 60 -3.11 -15.39 -2.25
CA ASN B 60 -4.54 -15.64 -2.34
C ASN B 60 -5.27 -14.53 -1.60
N THR B 61 -6.44 -14.15 -2.13
CA THR B 61 -7.22 -13.02 -1.66
C THR B 61 -8.09 -13.39 -0.46
N THR B 62 -8.79 -14.53 -0.54
CA THR B 62 -9.87 -14.78 0.40
C THR B 62 -9.76 -16.18 0.98
N PHE B 63 -10.42 -16.37 2.14
CA PHE B 63 -10.28 -17.60 2.92
C PHE B 63 -11.65 -18.17 3.22
N VAL B 64 -11.82 -19.42 2.93
CA VAL B 64 -13.15 -20.05 3.08
C VAL B 64 -13.41 -20.30 4.56
N GLN B 65 -14.67 -20.06 4.95
CA GLN B 65 -15.13 -20.25 6.34
C GLN B 65 -15.91 -21.56 6.49
N GLU B 66 -15.77 -22.20 7.66
CA GLU B 66 -16.37 -23.52 7.88
C GLU B 66 -17.89 -23.41 7.99
N SER B 67 -18.36 -22.33 8.58
CA SER B 67 -19.79 -22.13 8.86
C SER B 67 -19.93 -20.68 9.29
N VAL B 68 -21.18 -20.23 9.36
CA VAL B 68 -21.45 -18.88 9.81
C VAL B 68 -20.99 -18.70 11.24
N GLU B 69 -21.21 -19.72 12.08
CA GLU B 69 -20.88 -19.62 13.49
C GLU B 69 -19.37 -19.66 13.72
N ASN B 70 -18.64 -20.45 12.94
CA ASN B 70 -17.19 -20.61 13.05
C ASN B 70 -16.42 -19.63 12.19
N TYR B 71 -17.05 -18.52 11.82
CA TYR B 71 -16.36 -17.44 11.14
C TYR B 71 -15.07 -17.09 11.86
N LEU B 72 -13.97 -17.05 11.11
CA LEU B 72 -12.63 -16.66 11.57
C LEU B 72 -12.00 -17.68 12.49
N SER B 73 -12.58 -18.87 12.60
CA SER B 73 -12.02 -19.91 13.47
C SER B 73 -10.62 -20.35 13.04
N LYS B 74 -10.26 -20.18 11.76
CA LYS B 74 -8.89 -20.48 11.33
C LYS B 74 -8.01 -19.25 11.21
N GLY B 75 -8.52 -18.08 11.61
CA GLY B 75 -7.70 -16.90 11.80
C GLY B 75 -7.68 -15.89 10.67
N PHE B 76 -8.26 -16.22 9.51
CA PHE B 76 -8.12 -15.38 8.34
C PHE B 76 -9.44 -15.30 7.59
N SER B 77 -9.64 -14.17 6.94
CA SER B 77 -10.84 -13.92 6.16
C SER B 77 -10.53 -13.24 4.82
N TYR B 78 -9.61 -12.27 4.83
CA TYR B 78 -9.37 -11.50 3.61
C TYR B 78 -7.99 -10.86 3.69
N SER B 79 -7.17 -10.99 2.62
CA SER B 79 -5.74 -10.61 2.74
C SER B 79 -5.49 -9.10 2.91
N ARG B 80 -6.46 -8.21 2.63
CA ARG B 80 -6.20 -6.79 2.94
C ARG B 80 -6.13 -6.61 4.47
N THR B 81 -6.83 -7.46 5.21
CA THR B 81 -6.93 -7.34 6.66
C THR B 81 -5.74 -8.05 7.35
N SER B 82 -5.45 -9.28 6.93
CA SER B 82 -4.30 -10.03 7.44
C SER B 82 -4.09 -11.22 6.50
N ASN B 83 -2.85 -11.68 6.42
CA ASN B 83 -2.52 -12.78 5.52
C ASN B 83 -1.49 -13.63 6.26
N PRO B 84 -1.52 -14.96 6.10
CA PRO B 84 -0.64 -15.80 6.95
C PRO B 84 0.85 -15.57 6.73
N THR B 85 1.26 -15.34 5.48
CA THR B 85 2.69 -15.12 5.24
C THR B 85 3.12 -13.80 5.87
N VAL B 86 2.27 -12.78 5.68
CA VAL B 86 2.57 -11.47 6.27
C VAL B 86 2.61 -11.58 7.78
N LEU B 87 1.68 -12.33 8.38
CA LEU B 87 1.66 -12.48 9.82
C LEU B 87 2.92 -13.18 10.33
N SER B 88 3.45 -14.18 9.60
CA SER B 88 4.72 -14.82 10.00
C SER B 88 5.86 -13.80 10.06
N LEU B 89 5.91 -12.92 9.04
CA LEU B 89 6.95 -11.88 9.08
C LEU B 89 6.72 -10.90 10.25
N GLU B 90 5.47 -10.52 10.51
CA GLU B 90 5.17 -9.60 11.62
C GLU B 90 5.63 -10.17 12.95
N LYS B 91 5.37 -11.45 13.17
CA LYS B 91 5.81 -12.05 14.43
C LYS B 91 7.35 -12.01 14.52
N LYS B 92 8.03 -12.28 13.41
CA LYS B 92 9.50 -12.24 13.42
C LYS B 92 10.02 -10.83 13.71
N ILE B 93 9.43 -9.82 13.06
CA ILE B 93 9.87 -8.45 13.25
C ILE B 93 9.62 -8.00 14.68
N ALA B 94 8.44 -8.32 15.24
CA ALA B 94 8.18 -7.94 16.64
C ALA B 94 9.21 -8.58 17.58
N GLU B 95 9.59 -9.84 17.31
CA GLU B 95 10.62 -10.49 18.14
C GLU B 95 11.96 -9.79 18.03
N ILE B 96 12.38 -9.52 16.81
CA ILE B 96 13.69 -8.89 16.61
C ILE B 96 13.75 -7.48 17.21
N GLU B 97 12.67 -6.69 17.08
CA GLU B 97 12.68 -5.31 17.56
C GLU B 97 12.30 -5.22 19.03
N GLY B 98 11.80 -6.30 19.63
CA GLY B 98 11.43 -6.24 21.05
C GLY B 98 10.10 -5.58 21.31
N GLY B 99 9.10 -5.82 20.45
CA GLY B 99 7.80 -5.18 20.59
C GLY B 99 6.72 -6.21 20.90
N PHE B 100 5.56 -5.66 21.30
CA PHE B 100 4.37 -6.48 21.48
C PHE B 100 3.92 -7.10 20.16
N GLY B 101 3.90 -6.29 19.10
CA GLY B 101 3.36 -6.75 17.83
C GLY B 101 3.89 -5.86 16.74
N ALA B 102 3.77 -6.35 15.50
CA ALA B 102 4.19 -5.53 14.36
C ALA B 102 3.12 -5.64 13.28
N CYS B 103 3.02 -4.58 12.49
CA CYS B 103 2.18 -4.54 11.29
C CYS B 103 3.06 -4.24 10.10
N CYS B 104 2.93 -5.00 9.01
CA CYS B 104 3.71 -4.77 7.80
C CYS B 104 2.88 -4.07 6.71
N PHE B 105 3.55 -3.21 5.95
CA PHE B 105 2.95 -2.27 5.01
C PHE B 105 3.64 -2.39 3.65
N ALA B 106 2.95 -1.81 2.65
CA ALA B 106 3.49 -1.84 1.26
C ALA B 106 4.84 -1.12 1.12
N THR B 107 5.10 -0.07 1.94
CA THR B 107 6.32 0.73 1.88
C THR B 107 6.58 1.30 3.28
N GLY B 108 7.79 1.82 3.46
CA GLY B 108 8.10 2.56 4.68
C GLY B 108 7.27 3.83 4.80
N MET B 109 7.06 4.55 3.69
CA MET B 109 6.18 5.72 3.75
C MET B 109 4.77 5.34 4.20
N ALA B 110 4.24 4.20 3.72
CA ALA B 110 2.90 3.81 4.20
C ALA B 110 2.87 3.58 5.71
N ALA B 111 3.93 2.96 6.26
CA ALA B 111 4.01 2.79 7.71
C ALA B 111 3.99 4.15 8.43
N THR B 112 4.81 5.10 7.95
CA THR B 112 4.90 6.44 8.56
C THR B 112 3.57 7.18 8.49
N VAL B 113 2.95 7.17 7.30
CA VAL B 113 1.66 7.84 7.09
C VAL B 113 0.56 7.19 7.94
N THR B 114 0.63 5.88 8.21
CA THR B 114 -0.41 5.28 9.05
C THR B 114 -0.26 5.77 10.48
N ILE B 115 1.00 5.94 10.95
CA ILE B 115 1.21 6.53 12.28
C ILE B 115 0.62 7.93 12.37
N PHE B 116 0.96 8.80 11.39
CA PHE B 116 0.40 10.15 11.40
C PHE B 116 -1.12 10.12 11.31
N SER B 117 -1.67 9.19 10.52
CA SER B 117 -3.13 9.09 10.39
C SER B 117 -3.82 8.65 11.67
N ALA B 118 -3.21 7.73 12.43
CA ALA B 118 -3.85 7.18 13.59
C ALA B 118 -3.71 8.06 14.81
N PHE B 119 -2.62 8.80 14.93
CA PHE B 119 -2.34 9.38 16.24
C PHE B 119 -2.35 10.90 16.25
N LEU B 120 -2.71 11.54 15.15
CA LEU B 120 -2.85 13.00 15.09
C LEU B 120 -4.24 13.36 14.57
N ALA B 121 -4.76 14.48 15.06
CA ALA B 121 -6.07 15.00 14.67
C ALA B 121 -5.94 16.51 14.61
N PRO B 122 -6.89 17.24 13.97
CA PRO B 122 -6.75 18.69 13.87
C PRO B 122 -6.55 19.33 15.25
N GLY B 123 -5.69 20.34 15.26
CA GLY B 123 -5.30 21.00 16.47
C GLY B 123 -4.09 20.39 17.15
N ASP B 124 -3.66 19.19 16.74
CA ASP B 124 -2.51 18.56 17.38
C ASP B 124 -1.18 19.14 16.90
N HIS B 125 -0.16 19.02 17.78
CA HIS B 125 1.20 19.46 17.52
C HIS B 125 2.08 18.19 17.47
N CYS B 126 3.02 18.21 16.53
CA CYS B 126 3.89 17.06 16.36
C CYS B 126 5.30 17.60 16.18
N LEU B 127 6.24 17.12 17.02
CA LEU B 127 7.64 17.52 16.92
C LEU B 127 8.37 16.52 16.05
N VAL B 128 9.03 17.01 15.01
CA VAL B 128 9.74 16.15 14.07
C VAL B 128 11.18 16.59 14.02
N THR B 129 12.09 15.62 14.07
CA THR B 129 13.49 15.97 13.85
C THR B 129 13.62 16.73 12.53
N ASN B 130 14.38 17.86 12.55
CA ASN B 130 14.43 18.70 11.37
C ASN B 130 15.25 18.07 10.27
N CYS B 131 16.01 17.03 10.62
CA CYS B 131 16.78 16.25 9.66
C CYS B 131 16.12 14.92 9.38
N SER B 132 14.79 14.83 9.54
CA SER B 132 14.09 13.63 9.13
C SER B 132 14.35 13.35 7.65
N TYR B 133 14.20 12.07 7.28
CA TYR B 133 14.04 11.65 5.89
C TYR B 133 13.12 12.63 5.17
N GLY B 134 13.55 13.07 3.98
CA GLY B 134 12.77 14.06 3.22
C GLY B 134 11.32 13.65 2.96
N GLY B 135 11.08 12.34 2.80
CA GLY B 135 9.69 11.88 2.64
C GLY B 135 8.84 12.10 3.87
N THR B 136 9.40 11.81 5.06
CA THR B 136 8.65 12.09 6.28
C THR B 136 8.32 13.58 6.38
N ASN B 137 9.34 14.40 6.19
CA ASN B 137 9.18 15.86 6.19
C ASN B 137 8.10 16.33 5.20
N ARG B 138 8.07 15.76 3.97
CA ARG B 138 7.13 16.21 2.93
CA ARG B 138 7.12 16.23 2.94
C ARG B 138 5.70 15.71 3.16
N CYS B 139 5.52 14.48 3.62
CA CYS B 139 4.16 14.04 3.91
C CYS B 139 3.57 14.87 5.06
N ALA B 140 4.41 15.36 5.97
CA ALA B 140 3.87 16.17 7.04
C ALA B 140 3.52 17.57 6.53
N ARG B 141 4.51 18.25 5.95
CA ARG B 141 4.32 19.64 5.54
C ARG B 141 3.27 19.73 4.45
N LEU B 142 3.42 18.95 3.40
CA LEU B 142 2.62 19.09 2.21
C LEU B 142 1.28 18.36 2.30
N HIS B 143 1.08 17.44 3.25
CA HIS B 143 -0.21 16.76 3.29
C HIS B 143 -0.91 16.86 4.64
N PHE B 144 -0.36 16.34 5.76
CA PHE B 144 -1.14 16.30 6.97
C PHE B 144 -1.38 17.70 7.56
N SER B 145 -0.54 18.67 7.18
CA SER B 145 -0.76 20.01 7.69
C SER B 145 -2.04 20.62 7.15
N LYS B 146 -2.58 20.09 6.04
CA LYS B 146 -3.88 20.62 5.59
C LYS B 146 -5.01 20.26 6.53
N TYR B 147 -4.81 19.33 7.46
CA TYR B 147 -5.79 19.01 8.46
C TYR B 147 -5.61 19.84 9.73
N ASN B 148 -4.84 20.93 9.63
CA ASN B 148 -4.59 21.82 10.79
C ASN B 148 -3.84 21.08 11.89
N ILE B 149 -2.97 20.18 11.47
CA ILE B 149 -1.98 19.56 12.34
C ILE B 149 -0.71 20.37 12.20
N ASP B 150 -0.07 20.75 13.34
CA ASP B 150 1.11 21.60 13.29
C ASP B 150 2.35 20.73 13.49
N PHE B 151 3.15 20.60 12.44
CA PHE B 151 4.44 19.93 12.52
C PHE B 151 5.51 20.97 12.74
N GLU B 152 6.28 20.83 13.83
CA GLU B 152 7.38 21.72 14.15
C GLU B 152 8.67 20.94 14.00
N PHE B 153 9.56 21.44 13.18
CA PHE B 153 10.83 20.78 12.86
C PHE B 153 11.94 21.38 13.71
N ILE B 154 12.58 20.56 14.55
CA ILE B 154 13.57 21.07 15.51
C ILE B 154 14.80 20.17 15.49
N ASP B 155 15.86 20.66 16.12
CA ASP B 155 17.14 19.96 16.27
C ASP B 155 17.03 18.94 17.42
N PHE B 156 17.03 17.63 17.09
CA PHE B 156 16.90 16.59 18.10
C PHE B 156 18.25 16.18 18.71
N ARG B 157 19.35 16.81 18.28
CA ARG B 157 20.66 16.40 18.81
C ARG B 157 20.78 16.67 20.30
N ASP B 158 20.07 17.64 20.83
CA ASP B 158 20.09 17.89 22.26
C ASP B 158 18.72 17.58 22.83
N PRO B 159 18.57 16.58 23.71
CA PRO B 159 17.22 16.22 24.15
C PRO B 159 16.52 17.34 24.86
N THR B 160 17.27 18.28 25.46
CA THR B 160 16.57 19.36 26.14
C THR B 160 15.85 20.25 25.13
N ASN B 161 16.34 20.32 23.89
CA ASN B 161 15.58 21.00 22.84
C ASN B 161 14.18 20.42 22.70
N VAL B 162 14.07 19.08 22.71
CA VAL B 162 12.76 18.44 22.62
C VAL B 162 11.93 18.77 23.84
N GLU B 163 12.54 18.72 25.02
CA GLU B 163 11.77 19.02 26.22
C GLU B 163 11.24 20.46 26.17
N LYS B 164 12.08 21.41 25.76
CA LYS B 164 11.67 22.82 25.76
C LYS B 164 10.65 23.10 24.66
N ALA B 165 10.70 22.34 23.55
CA ALA B 165 9.80 22.57 22.43
C ALA B 165 8.44 21.90 22.59
N ILE B 166 8.23 21.14 23.64
CA ILE B 166 6.96 20.45 23.80
C ILE B 166 5.92 21.47 24.27
N ARG B 167 4.76 21.50 23.61
CA ARG B 167 3.68 22.47 23.80
C ARG B 167 2.45 21.77 24.35
N PRO B 168 1.44 22.51 24.81
CA PRO B 168 0.23 21.81 25.34
C PRO B 168 -0.43 20.87 24.31
N GLN B 169 -0.36 21.20 23.04
CA GLN B 169 -1.03 20.35 22.07
C GLN B 169 -0.13 19.24 21.54
N THR B 170 1.11 19.12 22.01
CA THR B 170 2.00 18.09 21.48
C THR B 170 1.44 16.67 21.74
N LYS B 171 1.26 15.86 20.66
CA LYS B 171 0.81 14.48 20.79
C LYS B 171 1.87 13.44 20.42
N VAL B 172 2.75 13.82 19.51
CA VAL B 172 3.76 12.90 18.95
C VAL B 172 5.10 13.60 18.87
N VAL B 173 6.15 12.89 19.27
CA VAL B 173 7.53 13.28 19.07
C VAL B 173 8.09 12.19 18.16
N PHE B 174 8.57 12.58 17.01
CA PHE B 174 8.99 11.66 15.94
C PHE B 174 10.48 11.84 15.71
N SER B 175 11.30 10.92 16.24
CA SER B 175 12.74 10.97 16.11
C SER B 175 13.17 10.05 14.98
N GLU B 176 14.40 10.23 14.53
CA GLU B 176 15.04 9.37 13.54
C GLU B 176 16.50 9.29 13.92
N SER B 177 17.10 8.11 13.85
CA SER B 177 18.51 8.06 14.27
C SER B 177 19.13 6.78 13.72
N PRO B 178 20.27 6.85 13.03
CA PRO B 178 20.84 8.09 12.48
C PRO B 178 19.88 8.73 11.45
N CYS B 179 20.02 10.03 11.23
CA CYS B 179 19.14 10.79 10.34
C CYS B 179 19.55 10.67 8.88
N ASN B 180 18.52 10.63 8.01
CA ASN B 180 18.73 10.62 6.55
C ASN B 180 18.71 12.05 6.03
N PRO B 181 19.81 12.59 5.47
CA PRO B 181 21.06 11.95 5.07
C PRO B 181 22.27 12.38 5.90
N THR B 182 22.04 13.20 6.94
CA THR B 182 23.14 13.84 7.64
C THR B 182 23.78 12.97 8.72
N LEU B 183 23.13 11.87 9.10
CA LEU B 183 23.62 10.94 10.13
C LEU B 183 23.72 11.58 11.50
N TYR B 184 23.02 12.69 11.74
CA TYR B 184 22.86 13.15 13.12
C TYR B 184 22.18 12.08 13.98
N LEU B 185 22.56 12.01 15.26
CA LEU B 185 21.94 11.07 16.17
C LEU B 185 20.98 11.80 17.09
N ALA B 186 20.02 11.06 17.58
CA ALA B 186 19.12 11.50 18.64
C ALA B 186 19.26 10.55 19.81
N ASP B 187 19.27 11.09 21.03
CA ASP B 187 19.43 10.21 22.19
C ASP B 187 18.07 9.60 22.51
N ILE B 188 17.85 8.36 22.06
CA ILE B 188 16.51 7.78 22.12
C ILE B 188 16.07 7.55 23.57
N GLU B 189 17.00 7.08 24.43
N GLU B 189 16.98 7.09 24.44
CA GLU B 189 16.68 6.85 25.84
CA GLU B 189 16.59 6.85 25.83
C GLU B 189 16.27 8.16 26.53
C GLU B 189 16.26 8.17 26.55
N ALA B 190 17.05 9.23 26.29
CA ALA B 190 16.79 10.52 26.93
C ALA B 190 15.46 11.09 26.47
N ILE B 191 15.23 11.00 25.14
CA ILE B 191 13.97 11.54 24.61
C ILE B 191 12.79 10.74 25.11
N SER B 192 12.96 9.42 25.26
CA SER B 192 11.86 8.61 25.78
C SER B 192 11.55 9.00 27.22
N GLN B 193 12.58 9.32 28.02
CA GLN B 193 12.28 9.75 29.39
C GLN B 193 11.47 11.04 29.40
N ILE B 194 11.86 12.01 28.56
CA ILE B 194 11.09 13.26 28.42
C ILE B 194 9.64 12.96 28.00
N CYS B 195 9.45 12.15 26.94
CA CYS B 195 8.09 11.87 26.46
C CYS B 195 7.26 11.12 27.49
N LYS B 196 7.87 10.22 28.27
CA LYS B 196 7.14 9.50 29.30
C LYS B 196 6.69 10.45 30.41
N GLU B 197 7.54 11.41 30.78
CA GLU B 197 7.15 12.39 31.81
C GLU B 197 6.02 13.27 31.32
N LYS B 198 6.09 13.73 30.06
CA LYS B 198 5.10 14.64 29.49
C LYS B 198 3.91 13.95 28.86
N LYS B 199 3.85 12.62 28.91
CA LYS B 199 2.72 11.84 28.41
C LYS B 199 2.48 12.10 26.93
N VAL B 200 3.54 12.00 26.14
CA VAL B 200 3.39 12.09 24.69
C VAL B 200 4.00 10.86 24.04
N LEU B 201 3.50 10.53 22.84
CA LEU B 201 3.98 9.34 22.13
C LEU B 201 5.33 9.60 21.48
N HIS B 202 6.31 8.69 21.70
CA HIS B 202 7.61 8.77 21.07
C HIS B 202 7.69 7.67 19.98
N VAL B 203 7.77 8.14 18.73
CA VAL B 203 7.89 7.29 17.53
C VAL B 203 9.31 7.47 17.04
N CYS B 204 10.02 6.37 16.77
CA CYS B 204 11.38 6.45 16.26
C CYS B 204 11.52 5.68 14.95
N ASP B 205 12.02 6.37 13.94
CA ASP B 205 12.39 5.76 12.64
C ASP B 205 13.86 5.33 12.74
N SER B 206 14.09 4.04 12.96
CA SER B 206 15.44 3.51 13.06
C SER B 206 15.85 2.72 11.81
N THR B 207 15.31 3.10 10.66
CA THR B 207 15.70 2.47 9.38
C THR B 207 17.23 2.41 9.18
N PHE B 208 17.94 3.53 9.41
CA PHE B 208 19.37 3.54 9.11
C PHE B 208 20.17 2.71 10.12
N ALA B 209 19.62 2.49 11.30
CA ALA B 209 20.34 1.77 12.35
C ALA B 209 20.23 0.27 12.15
N THR B 210 18.99 -0.23 11.86
CA THR B 210 18.59 -1.65 11.98
C THR B 210 18.55 -2.10 13.44
N PRO B 211 17.72 -3.09 13.77
CA PRO B 211 17.67 -3.56 15.18
C PRO B 211 18.95 -4.27 15.59
N TYR B 212 19.85 -4.59 14.67
CA TYR B 212 21.13 -5.20 15.07
C TYR B 212 22.02 -4.15 15.74
N MET B 213 21.86 -2.87 15.36
CA MET B 213 22.63 -1.80 15.99
C MET B 213 21.86 -1.04 17.08
N MET B 214 20.55 -0.81 16.94
CA MET B 214 19.82 -0.04 17.95
C MET B 214 18.35 -0.42 17.86
N ARG B 215 17.76 -0.78 18.99
CA ARG B 215 16.33 -1.13 19.11
C ARG B 215 15.65 -0.04 19.92
N PRO B 216 14.97 0.92 19.30
CA PRO B 216 14.37 2.01 20.11
C PRO B 216 13.38 1.52 21.14
N LEU B 217 12.69 0.39 20.92
CA LEU B 217 11.74 -0.07 21.93
C LEU B 217 12.49 -0.44 23.21
N ASP B 218 13.72 -0.95 23.09
CA ASP B 218 14.52 -1.25 24.28
C ASP B 218 14.89 0.01 25.03
N LEU B 219 14.90 1.13 24.35
CA LEU B 219 15.32 2.40 24.93
C LEU B 219 14.13 3.27 25.27
N GLY B 220 12.92 2.69 25.30
CA GLY B 220 11.75 3.36 25.82
C GLY B 220 10.82 3.97 24.79
N ALA B 221 11.13 3.86 23.50
CA ALA B 221 10.20 4.44 22.54
C ALA B 221 8.88 3.70 22.55
N ASP B 222 7.80 4.40 22.11
CA ASP B 222 6.51 3.73 22.14
C ASP B 222 6.20 2.99 20.84
N ILE B 223 6.75 3.51 19.73
CA ILE B 223 6.56 2.92 18.40
C ILE B 223 7.86 3.01 17.64
N VAL B 224 8.18 1.96 16.87
CA VAL B 224 9.25 2.03 15.89
C VAL B 224 8.64 1.95 14.48
N VAL B 225 9.16 2.78 13.57
CA VAL B 225 8.84 2.64 12.15
C VAL B 225 10.10 2.21 11.42
N GLN B 226 9.95 1.25 10.51
CA GLN B 226 11.03 0.77 9.67
C GLN B 226 10.63 0.86 8.19
N SER B 227 11.56 1.30 7.35
CA SER B 227 11.44 1.00 5.93
C SER B 227 12.17 -0.33 5.76
N THR B 228 11.39 -1.40 5.55
CA THR B 228 12.04 -2.71 5.37
C THR B 228 12.71 -2.79 3.98
N THR B 229 12.37 -1.88 3.08
CA THR B 229 13.03 -1.72 1.79
C THR B 229 14.55 -1.75 1.91
N LYS B 230 15.06 -1.12 2.96
CA LYS B 230 16.48 -0.75 2.94
C LYS B 230 17.36 -1.89 3.46
N TYR B 231 17.47 -2.06 4.77
CA TYR B 231 18.34 -3.11 5.32
C TYR B 231 17.61 -4.43 5.58
N TYR B 232 16.32 -4.43 5.98
CA TYR B 232 15.67 -5.71 6.22
C TYR B 232 15.69 -6.55 4.95
N ASP B 233 15.38 -5.91 3.83
CA ASP B 233 15.55 -6.53 2.52
C ASP B 233 17.03 -6.59 2.16
N GLY B 234 17.69 -5.43 2.02
CA GLY B 234 19.13 -5.44 1.84
C GLY B 234 19.60 -5.93 0.50
N HIS B 235 18.67 -6.17 -0.44
CA HIS B 235 19.05 -6.74 -1.73
C HIS B 235 18.44 -5.94 -2.89
N ASN B 236 17.86 -4.77 -2.62
CA ASN B 236 17.26 -3.89 -3.65
C ASN B 236 16.09 -4.58 -4.34
N CYS B 237 15.49 -5.52 -3.65
CA CYS B 237 14.48 -6.42 -4.23
C CYS B 237 13.06 -5.87 -4.02
N THR B 238 12.65 -5.63 -2.76
CA THR B 238 11.26 -5.30 -2.44
C THR B 238 11.16 -3.91 -1.82
N LEU B 239 9.97 -3.33 -1.89
CA LEU B 239 9.55 -2.23 -1.01
C LEU B 239 8.82 -2.82 0.18
N GLY B 240 8.94 -2.15 1.34
CA GLY B 240 8.11 -2.56 2.43
C GLY B 240 8.34 -1.68 3.64
N GLY B 241 7.35 -1.72 4.53
CA GLY B 241 7.42 -0.98 5.78
C GLY B 241 6.95 -1.80 6.96
N ALA B 242 7.30 -1.35 8.18
CA ALA B 242 6.79 -2.03 9.36
C ALA B 242 6.58 -1.00 10.46
N VAL B 243 5.53 -1.23 11.25
CA VAL B 243 5.32 -0.48 12.50
C VAL B 243 5.39 -1.49 13.62
N ILE B 244 6.29 -1.27 14.60
CA ILE B 244 6.41 -2.18 15.74
C ILE B 244 5.95 -1.42 16.97
N SER B 245 4.96 -1.98 17.66
CA SER B 245 4.28 -1.27 18.76
C SER B 245 4.71 -1.85 20.11
N SER B 246 4.85 -0.95 21.09
CA SER B 246 5.23 -1.37 22.45
C SER B 246 4.09 -2.06 23.19
N THR B 247 2.83 -1.74 22.86
CA THR B 247 1.69 -2.24 23.62
C THR B 247 0.60 -2.74 22.68
N LYS B 248 -0.28 -3.54 23.27
CA LYS B 248 -1.46 -4.05 22.55
C LYS B 248 -2.38 -2.92 22.11
N GLU B 249 -2.65 -1.94 22.99
CA GLU B 249 -3.51 -0.82 22.62
C GLU B 249 -3.00 -0.11 21.37
N ILE B 250 -1.69 0.16 21.33
CA ILE B 250 -1.13 0.83 20.17
C ILE B 250 -1.20 -0.08 18.94
N HIS B 251 -0.81 -1.35 19.11
CA HIS B 251 -0.81 -2.32 18.02
C HIS B 251 -2.20 -2.42 17.38
N ASP B 252 -3.23 -2.53 18.21
CA ASP B 252 -4.59 -2.68 17.68
C ASP B 252 -5.03 -1.46 16.92
N LYS B 253 -4.63 -0.26 17.37
CA LYS B 253 -4.99 0.94 16.62
C LYS B 253 -4.34 0.94 15.23
N VAL B 254 -3.06 0.56 15.17
CA VAL B 254 -2.36 0.51 13.88
C VAL B 254 -3.01 -0.52 12.96
N PHE B 255 -3.28 -1.71 13.51
CA PHE B 255 -3.86 -2.81 12.72
C PHE B 255 -5.21 -2.39 12.14
N PHE B 256 -6.05 -1.80 12.97
CA PHE B 256 -7.36 -1.37 12.48
C PHE B 256 -7.25 -0.40 11.31
N LEU B 257 -6.33 0.58 11.44
CA LEU B 257 -6.24 1.60 10.42
C LEU B 257 -5.56 1.08 9.15
N ARG B 258 -4.66 0.11 9.30
CA ARG B 258 -4.07 -0.50 8.10
C ARG B 258 -5.17 -1.11 7.24
N ASN B 259 -6.16 -1.74 7.88
CA ASN B 259 -7.23 -2.39 7.09
C ASN B 259 -8.08 -1.34 6.39
N VAL B 260 -8.31 -0.22 7.05
CA VAL B 260 -9.07 0.85 6.44
C VAL B 260 -8.30 1.50 5.29
N MET B 261 -6.98 1.74 5.47
CA MET B 261 -6.23 2.44 4.44
C MET B 261 -5.78 1.53 3.30
N GLY B 262 -5.87 0.23 3.49
CA GLY B 262 -5.57 -0.72 2.41
C GLY B 262 -4.12 -0.73 2.02
N ASN B 263 -3.20 -0.54 2.99
CA ASN B 263 -1.79 -0.42 2.62
C ASN B 263 -0.93 -1.56 3.22
N ILE B 264 -1.54 -2.73 3.47
CA ILE B 264 -0.79 -3.91 3.93
C ILE B 264 0.24 -4.36 2.91
N MET B 265 1.32 -4.95 3.42
CA MET B 265 2.29 -5.67 2.60
C MET B 265 1.66 -6.89 1.90
N SER B 266 2.23 -7.25 0.74
CA SER B 266 1.76 -8.43 0.04
C SER B 266 2.46 -9.71 0.53
N ALA B 267 1.81 -10.87 0.31
CA ALA B 267 2.44 -12.12 0.75
C ALA B 267 3.77 -12.36 0.06
N GLN B 268 3.89 -12.00 -1.23
CA GLN B 268 5.16 -12.28 -1.90
C GLN B 268 6.27 -11.41 -1.33
N THR B 269 5.96 -10.14 -1.04
CA THR B 269 6.97 -9.27 -0.43
C THR B 269 7.36 -9.81 0.92
N ALA B 270 6.38 -10.29 1.68
CA ALA B 270 6.68 -10.84 3.00
C ALA B 270 7.57 -12.08 2.88
N PHE B 271 7.32 -12.95 1.88
CA PHE B 271 8.19 -14.10 1.69
C PHE B 271 9.63 -13.67 1.41
N TYR B 272 9.83 -12.71 0.48
CA TYR B 272 11.18 -12.24 0.21
C TYR B 272 11.84 -11.72 1.51
N THR B 273 11.11 -10.93 2.30
CA THR B 273 11.71 -10.31 3.49
C THR B 273 11.97 -11.34 4.56
N LEU B 274 11.10 -12.34 4.69
CA LEU B 274 11.39 -13.45 5.59
C LEU B 274 12.73 -14.09 5.24
N LEU B 275 13.02 -14.23 3.95
CA LEU B 275 14.29 -14.85 3.53
C LEU B 275 15.47 -13.92 3.77
N THR B 276 15.34 -12.64 3.39
CA THR B 276 16.52 -11.76 3.50
C THR B 276 16.84 -11.39 4.93
N LEU B 277 15.84 -11.37 5.83
CA LEU B 277 16.15 -11.02 7.22
C LEU B 277 17.10 -12.02 7.86
N LYS B 278 17.13 -13.26 7.33
N LYS B 278 17.11 -13.27 7.40
CA LYS B 278 17.96 -14.34 7.87
CA LYS B 278 17.97 -14.23 8.06
C LYS B 278 19.44 -13.98 7.91
C LYS B 278 19.43 -13.79 8.05
N THR B 279 19.86 -13.11 6.99
CA THR B 279 21.28 -12.72 6.88
C THR B 279 21.51 -11.28 7.34
N LEU B 280 20.54 -10.61 7.96
CA LEU B 280 20.76 -9.21 8.33
C LEU B 280 22.00 -9.08 9.24
N PRO B 281 22.19 -9.88 10.28
CA PRO B 281 23.40 -9.67 11.11
C PRO B 281 24.72 -9.78 10.32
N ILE B 282 24.89 -10.83 9.51
CA ILE B 282 26.17 -10.96 8.78
C ILE B 282 26.30 -9.90 7.69
N ARG B 283 25.18 -9.49 7.06
CA ARG B 283 25.27 -8.39 6.09
C ARG B 283 25.71 -7.11 6.78
N VAL B 284 25.00 -6.72 7.82
CA VAL B 284 25.31 -5.44 8.49
C VAL B 284 26.72 -5.47 9.06
N GLU B 285 27.18 -6.62 9.58
CA GLU B 285 28.59 -6.69 10.03
C GLU B 285 29.55 -6.39 8.87
N LYS B 286 29.32 -7.00 7.72
CA LYS B 286 30.24 -6.79 6.60
C LYS B 286 30.18 -5.34 6.08
N GLN B 287 28.94 -4.83 5.88
CA GLN B 287 28.77 -3.46 5.39
C GLN B 287 29.42 -2.48 6.34
N SER B 288 29.30 -2.71 7.65
CA SER B 288 29.80 -1.77 8.62
C SER B 288 31.32 -1.84 8.69
N ALA B 289 31.89 -3.05 8.56
CA ALA B 289 33.36 -3.14 8.51
C ALA B 289 33.90 -2.44 7.28
N ASN B 290 33.22 -2.60 6.14
CA ASN B 290 33.60 -1.86 4.94
C ASN B 290 33.47 -0.36 5.14
N ALA B 291 32.37 0.08 5.75
CA ALA B 291 32.11 1.52 5.91
C ALA B 291 33.15 2.15 6.82
N GLN B 292 33.55 1.43 7.88
CA GLN B 292 34.61 1.97 8.76
C GLN B 292 35.88 2.23 7.96
N LYS B 293 36.30 1.26 7.13
CA LYS B 293 37.52 1.41 6.32
C LYS B 293 37.38 2.53 5.28
N ILE B 294 36.22 2.62 4.63
CA ILE B 294 36.01 3.67 3.65
C ILE B 294 36.04 5.04 4.34
N ALA B 295 35.38 5.18 5.51
CA ALA B 295 35.36 6.47 6.21
C ALA B 295 36.77 6.88 6.65
N GLU B 296 37.57 5.92 7.11
CA GLU B 296 38.98 6.21 7.43
C GLU B 296 39.73 6.70 6.20
N PHE B 297 39.55 6.00 5.07
CA PHE B 297 40.23 6.40 3.83
C PHE B 297 39.84 7.83 3.45
N LEU B 298 38.55 8.12 3.45
CA LEU B 298 38.06 9.44 3.06
C LEU B 298 38.60 10.51 4.00
N SER B 299 38.66 10.19 5.29
CA SER B 299 39.09 11.20 6.28
C SER B 299 40.56 11.58 6.10
N LYS B 300 41.34 10.75 5.43
CA LYS B 300 42.76 11.07 5.14
C LYS B 300 42.97 11.69 3.76
N HIS B 301 41.92 11.75 2.94
CA HIS B 301 42.08 12.08 1.53
C HIS B 301 42.14 13.57 1.28
N HIS B 302 43.14 13.98 0.51
CA HIS B 302 43.38 15.40 0.36
C HIS B 302 42.32 16.14 -0.45
N LYS B 303 41.41 15.45 -1.15
CA LYS B 303 40.36 16.17 -1.86
C LYS B 303 39.00 16.06 -1.17
N VAL B 304 38.98 15.54 0.05
CA VAL B 304 37.75 15.40 0.84
C VAL B 304 37.75 16.45 1.94
N GLU B 305 36.66 17.20 2.03
CA GLU B 305 36.57 18.33 2.97
C GLU B 305 36.12 17.87 4.35
N HIS B 306 35.08 17.03 4.42
CA HIS B 306 34.55 16.56 5.70
C HIS B 306 34.08 15.12 5.45
N VAL B 307 34.18 14.28 6.48
CA VAL B 307 33.63 12.91 6.45
C VAL B 307 32.77 12.72 7.68
N ILE B 308 31.58 12.14 7.50
CA ILE B 308 30.64 11.90 8.61
C ILE B 308 30.40 10.39 8.69
N TYR B 309 30.83 9.76 9.79
CA TYR B 309 30.55 8.33 10.00
C TYR B 309 30.53 8.16 11.52
N PRO B 310 29.54 7.48 12.11
CA PRO B 310 29.49 7.42 13.58
C PRO B 310 30.67 6.68 14.20
N GLY B 311 31.43 5.91 13.41
CA GLY B 311 32.52 5.14 13.95
C GLY B 311 33.90 5.79 13.81
N ILE B 312 34.03 6.94 13.15
CA ILE B 312 35.40 7.51 13.10
C ILE B 312 35.59 8.46 14.28
N PRO B 313 36.83 8.64 14.71
CA PRO B 313 37.07 9.32 15.99
C PRO B 313 36.61 10.76 16.01
N SER B 314 36.53 11.42 14.85
CA SER B 314 36.11 12.82 14.78
C SER B 314 34.59 13.00 14.75
N PHE B 315 33.80 11.94 14.79
CA PHE B 315 32.35 12.10 14.72
C PHE B 315 31.86 13.03 15.84
N PRO B 316 31.12 14.09 15.51
CA PRO B 316 30.75 15.06 16.55
C PRO B 316 29.89 14.51 17.67
N GLN B 317 29.11 13.45 17.43
CA GLN B 317 28.26 12.85 18.46
C GLN B 317 28.80 11.49 18.83
N LYS B 318 30.13 11.38 18.86
CA LYS B 318 30.82 10.14 19.22
C LYS B 318 30.32 9.55 20.53
N GLU B 319 30.20 10.37 21.59
CA GLU B 319 29.83 9.79 22.87
C GLU B 319 28.43 9.15 22.82
N LEU B 320 27.49 9.80 22.11
CA LEU B 320 26.17 9.19 21.97
C LEU B 320 26.22 7.95 21.08
N ALA B 321 27.03 7.96 20.03
CA ALA B 321 27.20 6.77 19.18
C ALA B 321 27.69 5.59 20.01
N LEU B 322 28.65 5.83 20.90
CA LEU B 322 29.17 4.71 21.68
C LEU B 322 28.20 4.23 22.72
N LYS B 323 27.31 5.11 23.19
CA LYS B 323 26.29 4.72 24.16
C LYS B 323 25.16 3.90 23.51
N GLN B 324 24.78 4.28 22.29
CA GLN B 324 23.52 3.86 21.71
C GLN B 324 23.66 2.82 20.60
N HIS B 325 24.84 2.67 20.03
CA HIS B 325 25.09 1.67 18.99
C HIS B 325 25.69 0.39 19.53
N LYS B 326 25.07 -0.74 19.20
CA LYS B 326 25.57 -2.07 19.49
C LYS B 326 26.25 -2.65 18.25
N ASN B 327 27.36 -3.36 18.47
CA ASN B 327 28.08 -4.14 17.46
C ASN B 327 28.85 -3.36 16.41
N VAL B 328 28.18 -2.37 15.80
CA VAL B 328 28.64 -1.72 14.58
C VAL B 328 28.24 -0.26 14.64
N HIS B 329 28.73 0.54 13.69
CA HIS B 329 28.25 1.92 13.50
C HIS B 329 27.54 2.11 12.15
N GLY B 330 27.26 1.02 11.43
CA GLY B 330 26.35 1.04 10.31
C GLY B 330 27.03 1.12 8.96
N GLY B 331 26.20 0.93 7.92
CA GLY B 331 26.63 0.98 6.54
C GLY B 331 26.57 2.34 5.87
N MET B 332 26.04 3.38 6.54
CA MET B 332 25.85 4.68 5.93
C MET B 332 26.97 5.62 6.35
N LEU B 333 27.47 6.42 5.39
CA LEU B 333 28.39 7.50 5.69
C LEU B 333 28.12 8.63 4.74
N ALA B 334 28.74 9.77 5.00
CA ALA B 334 28.56 10.90 4.09
C ALA B 334 29.87 11.68 4.04
N PHE B 335 30.05 12.42 2.96
CA PHE B 335 31.26 13.26 2.87
C PHE B 335 31.01 14.43 1.94
N GLU B 336 31.92 15.40 1.98
CA GLU B 336 31.87 16.56 1.10
C GLU B 336 33.18 16.63 0.36
N VAL B 337 33.13 16.82 -0.98
CA VAL B 337 34.36 16.96 -1.76
C VAL B 337 34.77 18.42 -1.77
N LYS B 338 36.07 18.68 -1.71
CA LYS B 338 36.59 20.04 -1.81
C LYS B 338 36.31 20.59 -3.20
N GLY B 339 35.96 21.87 -3.26
CA GLY B 339 35.67 22.52 -4.51
C GLY B 339 34.22 22.74 -4.79
N GLY B 340 33.36 22.63 -3.79
CA GLY B 340 31.98 22.92 -4.02
C GLY B 340 31.25 21.99 -4.98
N THR B 341 30.12 22.51 -5.43
CA THR B 341 29.16 21.72 -6.19
C THR B 341 29.75 21.17 -7.48
N GLU B 342 30.56 21.98 -8.18
CA GLU B 342 31.09 21.50 -9.45
C GLU B 342 31.96 20.26 -9.22
N ALA B 343 32.73 20.27 -8.15
CA ALA B 343 33.62 19.14 -7.86
C ALA B 343 32.81 17.94 -7.38
N GLY B 344 31.78 18.17 -6.55
CA GLY B 344 30.91 17.08 -6.16
C GLY B 344 30.26 16.38 -7.35
N ILE B 345 29.79 17.17 -8.30
CA ILE B 345 29.14 16.65 -9.50
C ILE B 345 30.12 15.89 -10.38
N ARG B 346 31.31 16.46 -10.61
CA ARG B 346 32.32 15.76 -11.39
C ARG B 346 32.68 14.43 -10.72
N MET B 347 32.78 14.44 -9.40
CA MET B 347 33.13 13.21 -8.69
C MET B 347 32.04 12.15 -8.93
N MET B 348 30.78 12.54 -8.69
CA MET B 348 29.65 11.64 -8.88
C MET B 348 29.59 11.07 -10.29
N ASN B 349 29.81 11.92 -11.28
CA ASN B 349 29.75 11.50 -12.65
C ASN B 349 30.87 10.55 -13.02
N HIS B 350 31.92 10.46 -12.21
CA HIS B 350 33.02 9.60 -12.56
C HIS B 350 33.22 8.45 -11.61
N VAL B 351 32.23 8.15 -10.75
CA VAL B 351 32.44 7.02 -9.83
C VAL B 351 32.16 5.73 -10.60
N PRO B 352 33.09 4.83 -10.70
CA PRO B 352 32.95 3.64 -11.55
C PRO B 352 32.28 2.49 -10.80
N ARG B 353 31.87 1.48 -11.58
CA ARG B 353 31.50 0.21 -10.96
C ARG B 353 32.69 -0.27 -10.12
N PRO B 354 32.45 -0.91 -8.97
CA PRO B 354 31.19 -1.52 -8.56
C PRO B 354 30.14 -0.58 -7.97
N TRP B 355 30.44 0.71 -7.76
CA TRP B 355 29.45 1.65 -7.23
C TRP B 355 28.29 1.84 -8.21
N SER B 356 27.11 2.11 -7.64
CA SER B 356 25.93 2.51 -8.41
C SER B 356 25.48 3.91 -8.02
N LEU B 357 25.17 4.73 -9.03
CA LEU B 357 24.70 6.09 -8.82
C LEU B 357 23.16 6.08 -8.83
N CYS B 358 22.53 6.18 -7.68
CA CYS B 358 21.08 6.02 -7.61
C CYS B 358 20.63 6.40 -6.22
N GLU B 359 19.31 6.43 -6.05
CA GLU B 359 18.66 6.57 -4.76
C GLU B 359 18.66 5.23 -4.02
N SER B 360 18.14 5.25 -2.79
CA SER B 360 17.99 4.12 -1.87
C SER B 360 19.32 3.81 -1.18
N LEU B 361 19.32 2.76 -0.37
CA LEU B 361 20.41 2.48 0.55
C LEU B 361 20.11 1.16 1.22
N GLY B 362 21.13 0.61 1.90
CA GLY B 362 20.96 -0.55 2.74
C GLY B 362 21.33 -1.86 2.08
N ALA B 363 21.72 -1.83 0.82
CA ALA B 363 21.79 -3.03 0.00
C ALA B 363 23.18 -3.63 -0.08
N CYS B 364 23.23 -4.88 -0.52
CA CYS B 364 24.50 -5.55 -0.86
C CYS B 364 25.30 -4.77 -1.89
N GLU B 365 24.63 -4.07 -2.81
CA GLU B 365 25.28 -3.23 -3.82
C GLU B 365 25.54 -1.83 -3.22
N SER B 366 26.81 -1.40 -3.27
CA SER B 366 27.14 -0.08 -2.77
C SER B 366 26.56 1.03 -3.64
N ILE B 367 26.04 2.07 -2.98
CA ILE B 367 25.26 3.11 -3.66
C ILE B 367 25.83 4.47 -3.32
N ILE B 368 25.90 5.35 -4.31
CA ILE B 368 26.30 6.72 -4.02
C ILE B 368 25.21 7.67 -4.55
N THR B 369 24.84 8.64 -3.70
CA THR B 369 23.62 9.45 -3.88
C THR B 369 24.03 10.91 -3.68
N CYS B 370 23.40 11.85 -4.38
CA CYS B 370 23.63 13.21 -3.90
C CYS B 370 22.27 13.75 -3.46
N PRO B 371 22.12 14.11 -2.18
CA PRO B 371 20.77 14.43 -1.68
C PRO B 371 20.17 15.68 -2.27
N ALA B 372 20.99 16.63 -2.73
CA ALA B 372 20.45 17.87 -3.28
C ALA B 372 19.54 17.59 -4.47
N VAL B 373 19.89 16.60 -5.28
CA VAL B 373 19.22 16.35 -6.55
C VAL B 373 18.27 15.16 -6.46
N PHE B 374 18.65 14.14 -5.68
CA PHE B 374 17.98 12.84 -5.71
C PHE B 374 16.93 12.64 -4.60
N THR B 375 17.10 13.24 -3.41
CA THR B 375 16.24 12.97 -2.26
C THR B 375 15.63 14.22 -1.65
N HIS B 376 16.40 15.31 -1.52
CA HIS B 376 15.93 16.54 -0.89
C HIS B 376 15.84 17.71 -1.87
N ALA B 377 15.54 17.42 -3.15
CA ALA B 377 15.49 18.46 -4.19
C ALA B 377 14.33 19.42 -4.01
N ASN B 378 13.31 19.03 -3.25
CA ASN B 378 12.13 19.81 -2.97
C ASN B 378 12.29 20.76 -1.79
N MET B 379 13.48 20.76 -1.16
CA MET B 379 13.78 21.62 -0.03
C MET B 379 14.52 22.85 -0.52
N LEU B 380 14.11 24.03 -0.04
CA LEU B 380 14.75 25.28 -0.45
C LEU B 380 16.23 25.26 -0.10
N ARG B 381 17.06 25.77 -1.03
CA ARG B 381 18.51 25.63 -0.87
C ARG B 381 19.03 26.28 0.40
N GLU B 382 18.46 27.43 0.79
CA GLU B 382 18.83 28.01 2.07
C GLU B 382 18.46 27.07 3.22
N ASP B 383 17.31 26.38 3.11
CA ASP B 383 16.91 25.43 4.15
C ASP B 383 17.77 24.16 4.11
N ARG B 384 18.06 23.65 2.90
CA ARG B 384 19.00 22.54 2.74
C ARG B 384 20.33 22.85 3.43
N LEU B 385 20.89 24.04 3.17
CA LEU B 385 22.12 24.43 3.83
C LEU B 385 21.92 24.54 5.34
N LYS B 386 20.74 24.98 5.78
CA LYS B 386 20.48 25.13 7.21
C LYS B 386 20.53 23.79 7.93
N VAL B 387 20.03 22.72 7.30
CA VAL B 387 20.05 21.39 7.92
C VAL B 387 21.39 20.66 7.78
N GLY B 388 22.30 21.17 6.96
CA GLY B 388 23.55 20.50 6.72
C GLY B 388 23.67 19.79 5.38
N ILE B 389 22.65 19.84 4.53
CA ILE B 389 22.78 19.28 3.19
C ILE B 389 23.50 20.30 2.31
N THR B 390 24.82 20.28 2.34
CA THR B 390 25.58 21.30 1.64
C THR B 390 25.74 20.92 0.18
N ASP B 391 26.57 21.73 -0.48
CA ASP B 391 26.68 21.71 -1.93
C ASP B 391 27.42 20.47 -2.40
N GLY B 392 28.55 20.17 -1.76
CA GLY B 392 29.34 19.04 -2.19
C GLY B 392 29.00 17.77 -1.44
N PHE B 393 27.77 17.69 -0.91
CA PHE B 393 27.41 16.67 0.07
C PHE B 393 26.99 15.36 -0.60
N ILE B 394 27.62 14.26 -0.18
CA ILE B 394 27.47 12.99 -0.88
C ILE B 394 27.06 11.97 0.17
N ARG B 395 25.93 11.26 -0.05
CA ARG B 395 25.49 10.21 0.86
C ARG B 395 25.95 8.87 0.28
N VAL B 396 26.57 8.03 1.12
CA VAL B 396 27.16 6.77 0.68
C VAL B 396 26.50 5.63 1.46
N SER B 397 25.99 4.64 0.72
CA SER B 397 25.51 3.40 1.35
C SER B 397 26.46 2.29 0.98
N VAL B 398 27.14 1.73 2.00
CA VAL B 398 28.19 0.75 1.73
C VAL B 398 27.60 -0.65 1.67
N GLY B 399 27.94 -1.38 0.60
CA GLY B 399 27.53 -2.77 0.38
C GLY B 399 28.58 -3.78 0.84
N ILE B 400 28.53 -5.00 0.30
CA ILE B 400 29.37 -6.09 0.79
C ILE B 400 30.40 -6.51 -0.27
N GLU B 401 30.70 -5.65 -1.25
CA GLU B 401 31.80 -5.89 -2.17
C GLU B 401 33.12 -5.90 -1.42
N ASP B 402 34.18 -6.32 -2.12
CA ASP B 402 35.55 -6.19 -1.57
C ASP B 402 35.84 -4.71 -1.35
N VAL B 403 36.22 -4.37 -0.12
CA VAL B 403 36.38 -2.95 0.22
C VAL B 403 37.48 -2.30 -0.61
N ASN B 404 38.44 -3.10 -1.11
CA ASN B 404 39.52 -2.50 -1.90
C ASN B 404 39.02 -2.05 -3.28
N ASP B 405 38.07 -2.78 -3.84
CA ASP B 405 37.43 -2.30 -5.07
C ASP B 405 36.62 -1.04 -4.81
N LEU B 406 35.95 -0.97 -3.65
CA LEU B 406 35.14 0.22 -3.32
C LEU B 406 36.05 1.45 -3.14
N ILE B 407 37.12 1.30 -2.38
CA ILE B 407 38.07 2.40 -2.20
C ILE B 407 38.74 2.77 -3.52
N ASP B 408 39.22 1.79 -4.31
CA ASP B 408 39.79 2.09 -5.62
C ASP B 408 38.85 2.96 -6.45
N GLY B 409 37.55 2.61 -6.47
CA GLY B 409 36.62 3.41 -7.25
C GLY B 409 36.43 4.84 -6.75
N LEU B 410 36.35 5.00 -5.42
CA LEU B 410 36.26 6.35 -4.89
C LEU B 410 37.54 7.14 -5.15
N ASP B 411 38.69 6.49 -4.98
CA ASP B 411 39.96 7.20 -5.21
C ASP B 411 40.07 7.67 -6.66
N TYR B 412 39.64 6.82 -7.62
CA TYR B 412 39.62 7.25 -9.02
C TYR B 412 38.70 8.47 -9.19
N ALA B 413 37.48 8.37 -8.65
CA ALA B 413 36.53 9.46 -8.87
C ALA B 413 37.04 10.75 -8.21
N LEU B 414 37.67 10.63 -7.04
CA LEU B 414 38.20 11.81 -6.37
C LEU B 414 39.34 12.44 -7.18
N SER B 415 40.16 11.61 -7.82
CA SER B 415 41.24 12.16 -8.64
C SER B 415 40.66 12.92 -9.82
N LYS B 416 39.48 12.50 -10.33
CA LYS B 416 38.83 13.22 -11.44
C LYS B 416 38.07 14.47 -11.00
N ALA B 417 37.71 14.60 -9.72
CA ALA B 417 36.79 15.64 -9.28
C ALA B 417 37.33 17.06 -9.50
N1 PLP C . -15.28 -1.30 -3.87
C2 PLP C . -15.97 -2.44 -4.09
C2A PLP C . -17.28 -2.28 -4.87
C3 PLP C . -15.55 -3.46 -3.69
O3 PLP C . -16.21 -4.66 -3.96
C4 PLP C . -14.25 -3.58 -2.95
C4A PLP C . -13.82 -4.97 -2.54
C5 PLP C . -13.60 -2.59 -2.67
C6 PLP C . -14.01 -1.33 -3.11
C5A PLP C . -12.30 -2.57 -1.87
O4P PLP C . -11.23 -3.05 -2.64
P PLP C . -10.10 -3.98 -1.90
O1P PLP C . -9.21 -4.42 -3.08
O2P PLP C . -10.73 -5.10 -1.17
O3P PLP C . -9.33 -3.07 -0.94
N1 PLP D . 12.71 6.46 6.52
C2 PLP D . 13.98 6.37 6.12
C2A PLP D . 15.00 6.74 7.21
C3 PLP D . 14.20 5.99 5.01
O3 PLP D . 15.51 5.82 4.52
C4 PLP D . 13.10 5.65 4.05
C4A PLP D . 13.52 5.16 2.67
C5 PLP D . 11.92 5.80 4.35
C6 PLP D . 11.56 6.18 5.64
C5A PLP D . 10.73 5.53 3.44
O4P PLP D . 10.59 4.18 3.16
P PLP D . 10.04 3.65 1.70
O1P PLP D . 10.16 2.18 1.88
O2P PLP D . 10.96 4.16 0.70
O3P PLP D . 8.60 4.16 1.54
N HCS E . 14.76 6.00 0.05
CA HCS E . 15.03 7.14 -0.80
CB HCS E . 13.87 8.14 -0.66
CG HCS E . 13.84 8.89 -2.00
SD HCS E . 12.21 8.77 -2.78
C HCS E . 16.41 7.75 -0.45
OXT HCS E . 16.65 8.39 0.64
O HCS E . 17.31 7.58 -1.33
#